data_4GU4
#
_entry.id   4GU4
#
_cell.length_a   149.430
_cell.length_b   149.430
_cell.length_c   165.190
_cell.angle_alpha   90.00
_cell.angle_beta   90.00
_cell.angle_gamma   120.00
#
_symmetry.space_group_name_H-M   'P 32 2 1'
#
loop_
_entity.id
_entity.type
_entity.pdbx_description
1 polymer 'Outer capsid protein sigma-1'
2 branched 'N-acetyl-alpha-neuraminic acid-(2-3)-beta-D-galactopyranose-(1-4)-beta-D-glucopyranose'
3 branched 'N-acetyl-alpha-neuraminic acid-(2-3)-beta-D-galactopyranose'
#
_entity_poly.entity_id   1
_entity_poly.type   'polypeptide(L)'
_entity_poly.pdbx_seq_one_letter_code
;GVLNQGVTSLESAKIDSVLPPLTVREASGVRTLSFGYDTSDFTIINSVLSLRSRLTLPTYRYPLELDTANNRVQVADRFG
MRTGTWTGQLQYQHPQLSWRANVTLNLMKVDDWLVLSFSQMTTNSIMADGKFVINFVSGLSSGWQTGDTEPSSTIDPLST
TFAAVQFLNNGQRIDAFRIMGVSEWTDGELEIKNYGGTYTGHTQVYWAPWTIMYPCNVR
;
_entity_poly.pdbx_strand_id   A,B,C
#
loop_
_chem_comp.id
_chem_comp.type
_chem_comp.name
_chem_comp.formula
BGC D-saccharide, beta linking beta-D-glucopyranose 'C6 H12 O6'
GAL D-saccharide, beta linking beta-D-galactopyranose 'C6 H12 O6'
SIA D-saccharide, alpha linking 'N-acetyl-alpha-neuraminic acid' 'C11 H19 N O9'
#
# COMPACT_ATOMS: atom_id res chain seq x y z
N LYS A 14 37.29 -2.87 62.15
CA LYS A 14 37.98 -2.68 60.87
C LYS A 14 37.35 -3.47 59.65
N ILE A 15 38.08 -3.44 58.48
CA ILE A 15 37.80 -4.15 57.21
C ILE A 15 39.01 -5.01 56.88
N ASP A 16 38.81 -6.31 56.96
CA ASP A 16 39.89 -7.25 56.70
C ASP A 16 40.08 -7.53 55.17
N SER A 17 39.08 -8.13 54.51
CA SER A 17 39.07 -8.45 53.07
C SER A 17 38.05 -7.57 52.25
N VAL A 18 38.18 -7.57 50.90
CA VAL A 18 37.34 -6.80 49.97
C VAL A 18 37.03 -7.64 48.73
N LEU A 19 35.75 -7.88 48.41
CA LEU A 19 35.33 -8.68 47.25
C LEU A 19 35.04 -7.82 45.98
N PRO A 20 35.40 -8.31 44.74
CA PRO A 20 35.04 -7.57 43.50
C PRO A 20 33.56 -7.20 43.38
N PRO A 21 33.18 -6.14 42.61
CA PRO A 21 33.99 -5.22 41.80
C PRO A 21 35.08 -4.48 42.57
N LEU A 22 34.82 -4.25 43.88
CA LEU A 22 35.71 -3.60 44.81
C LEU A 22 37.08 -4.30 44.90
N THR A 23 38.16 -3.48 44.90
CA THR A 23 39.56 -3.93 44.97
C THR A 23 40.41 -2.88 45.71
N VAL A 24 41.48 -3.37 46.38
CA VAL A 24 42.43 -2.47 47.01
C VAL A 24 43.79 -2.64 46.35
N ARG A 25 44.48 -1.51 46.07
CA ARG A 25 45.81 -1.44 45.47
C ARG A 25 46.68 -0.52 46.26
N GLU A 26 47.81 -1.08 46.69
CA GLU A 26 48.85 -0.36 47.39
C GLU A 26 49.88 -0.09 46.32
N ALA A 27 50.23 1.19 46.21
CA ALA A 27 51.20 1.74 45.26
C ALA A 27 51.70 3.00 45.94
N SER A 28 53.02 3.21 45.84
CA SER A 28 53.70 4.40 46.39
C SER A 28 53.36 4.60 47.92
N GLY A 29 53.41 3.48 48.66
CA GLY A 29 53.16 3.39 50.09
C GLY A 29 51.75 3.69 50.53
N VAL A 30 50.84 3.88 49.56
CA VAL A 30 49.42 4.24 49.75
C VAL A 30 48.48 3.11 49.31
N ARG A 31 47.47 2.78 50.13
CA ARG A 31 46.52 1.75 49.75
C ARG A 31 45.20 2.42 49.42
N THR A 32 44.75 2.29 48.17
CA THR A 32 43.52 2.94 47.73
C THR A 32 42.46 1.99 47.25
N LEU A 33 41.28 2.11 47.79
CA LEU A 33 40.15 1.28 47.44
C LEU A 33 39.57 1.81 46.17
N SER A 34 38.83 1.01 45.41
CA SER A 34 38.19 1.56 44.22
C SER A 34 37.20 0.59 43.58
N PHE A 35 36.19 1.19 42.93
CA PHE A 35 35.10 0.46 42.26
C PHE A 35 35.42 0.07 40.81
N GLY A 36 35.40 -1.24 40.57
CA GLY A 36 35.71 -1.85 39.29
C GLY A 36 34.56 -1.92 38.32
N TYR A 37 34.65 -1.18 37.20
CA TYR A 37 33.55 -1.20 36.22
C TYR A 37 33.97 -1.45 34.78
N ASP A 38 33.04 -2.05 33.98
CA ASP A 38 33.25 -2.26 32.55
C ASP A 38 33.18 -0.90 31.86
N THR A 39 34.26 -0.52 31.20
CA THR A 39 34.41 0.76 30.52
C THR A 39 33.54 1.02 29.32
N SER A 40 32.96 -0.02 28.72
CA SER A 40 32.10 0.17 27.57
C SER A 40 30.63 0.30 28.01
N ASP A 41 30.30 -0.27 29.18
CA ASP A 41 28.97 -0.21 29.78
C ASP A 41 28.79 1.09 30.61
N PHE A 42 29.81 1.46 31.42
CA PHE A 42 29.78 2.60 32.32
C PHE A 42 30.96 3.57 32.22
N THR A 43 30.84 4.67 32.96
CA THR A 43 31.84 5.71 33.16
C THR A 43 31.58 6.48 34.44
N ILE A 44 32.46 7.42 34.75
CA ILE A 44 32.34 8.28 35.93
C ILE A 44 32.11 9.70 35.44
N ILE A 45 30.96 10.27 35.84
CA ILE A 45 30.57 11.64 35.49
C ILE A 45 30.21 12.32 36.77
N ASN A 46 30.78 13.49 37.02
CA ASN A 46 30.62 14.25 38.25
C ASN A 46 30.77 13.31 39.46
N SER A 47 31.86 12.51 39.43
CA SER A 47 32.31 11.57 40.45
C SER A 47 31.34 10.46 40.82
N VAL A 48 30.35 10.17 39.94
CA VAL A 48 29.38 9.08 40.15
C VAL A 48 29.31 8.09 39.00
N LEU A 49 28.94 6.82 39.32
CA LEU A 49 28.79 5.80 38.29
C LEU A 49 27.63 6.23 37.41
N SER A 50 27.91 6.29 36.13
CA SER A 50 26.94 6.71 35.15
C SER A 50 26.99 5.76 33.96
N LEU A 51 25.84 5.61 33.29
CA LEU A 51 25.72 4.78 32.10
C LEU A 51 26.29 5.56 30.95
N ARG A 52 27.04 4.85 30.16
CA ARG A 52 27.66 5.35 28.97
C ARG A 52 26.67 4.93 27.92
N SER A 53 26.38 5.81 26.95
CA SER A 53 25.54 5.41 25.82
C SER A 53 24.08 4.92 26.11
N ARG A 54 23.31 5.68 26.90
CA ARG A 54 21.92 5.38 27.27
C ARG A 54 21.08 5.25 25.98
N LEU A 55 20.53 4.03 25.73
CA LEU A 55 19.73 3.79 24.53
C LEU A 55 18.32 4.29 24.64
N THR A 56 17.99 5.22 23.75
CA THR A 56 16.67 5.82 23.69
C THR A 56 15.80 5.14 22.63
N LEU A 57 14.60 4.71 23.02
CA LEU A 57 13.64 4.05 22.15
C LEU A 57 13.00 5.02 21.15
N PRO A 58 12.93 4.64 19.85
CA PRO A 58 12.39 5.56 18.84
C PRO A 58 10.89 5.74 18.90
N THR A 59 10.40 6.87 18.34
CA THR A 59 8.97 7.13 18.19
C THR A 59 8.56 6.64 16.79
N TYR A 60 7.28 6.76 16.45
CA TYR A 60 6.78 6.28 15.17
C TYR A 60 5.90 7.27 14.44
N ARG A 61 6.16 7.45 13.14
CA ARG A 61 5.37 8.33 12.28
C ARG A 61 4.27 7.54 11.58
N TYR A 62 3.07 8.13 11.48
CA TYR A 62 1.92 7.52 10.80
C TYR A 62 2.32 7.07 9.37
N PRO A 63 1.84 5.90 8.89
CA PRO A 63 0.89 4.95 9.47
C PRO A 63 1.41 3.98 10.53
N LEU A 64 2.67 4.16 10.98
CA LEU A 64 3.24 3.32 12.02
C LEU A 64 2.80 3.92 13.35
N GLU A 65 2.40 3.06 14.28
CA GLU A 65 2.00 3.52 15.61
C GLU A 65 2.40 2.53 16.70
N LEU A 66 2.62 3.04 17.92
CA LEU A 66 2.94 2.18 19.04
C LEU A 66 1.68 1.94 19.86
N ASP A 67 1.27 0.66 19.96
CA ASP A 67 0.15 0.26 20.80
C ASP A 67 0.76 0.14 22.20
N THR A 68 0.63 1.21 23.00
CA THR A 68 1.21 1.28 24.35
C THR A 68 0.68 0.25 25.32
N ALA A 69 -0.58 -0.14 25.15
CA ALA A 69 -1.23 -1.13 25.99
C ALA A 69 -0.57 -2.50 25.91
N ASN A 70 -0.12 -2.91 24.72
CA ASN A 70 0.50 -4.22 24.53
C ASN A 70 1.95 -4.11 24.11
N ASN A 71 2.51 -2.89 24.16
CA ASN A 71 3.88 -2.60 23.75
C ASN A 71 4.17 -3.25 22.39
N ARG A 72 3.34 -2.91 21.38
CA ARG A 72 3.46 -3.48 20.04
C ARG A 72 3.40 -2.41 18.98
N VAL A 73 4.28 -2.52 18.01
CA VAL A 73 4.33 -1.60 16.88
C VAL A 73 3.45 -2.19 15.78
N GLN A 74 2.62 -1.35 15.17
CA GLN A 74 1.72 -1.83 14.13
C GLN A 74 1.44 -0.77 13.07
N VAL A 75 0.81 -1.19 11.96
CA VAL A 75 0.32 -0.27 10.96
C VAL A 75 -1.09 0.10 11.40
N ALA A 76 -1.41 1.40 11.42
CA ALA A 76 -2.74 1.88 11.78
C ALA A 76 -3.82 1.27 10.90
N ASP A 77 -4.96 0.93 11.52
CA ASP A 77 -6.07 0.30 10.80
C ASP A 77 -6.66 1.16 9.69
N ARG A 78 -6.74 2.48 9.95
CA ARG A 78 -7.28 3.44 9.01
C ARG A 78 -6.51 3.54 7.73
N PHE A 79 -5.24 3.13 7.78
CA PHE A 79 -4.38 3.15 6.60
C PHE A 79 -4.94 2.27 5.46
N GLY A 80 -5.46 1.10 5.83
CA GLY A 80 -6.06 0.18 4.87
C GLY A 80 -7.44 0.61 4.40
N MET A 81 -8.15 1.39 5.24
CA MET A 81 -9.48 1.83 4.87
C MET A 81 -9.98 2.99 5.70
N ARG A 82 -10.30 4.08 5.01
CA ARG A 82 -10.87 5.26 5.63
C ARG A 82 -11.97 5.75 4.71
N THR A 83 -13.21 5.75 5.19
CA THR A 83 -14.35 6.14 4.36
C THR A 83 -14.79 7.56 4.59
N GLY A 84 -15.55 8.08 3.65
CA GLY A 84 -16.09 9.42 3.73
C GLY A 84 -17.06 9.69 2.59
N THR A 85 -17.59 10.90 2.56
CA THR A 85 -18.51 11.28 1.51
C THR A 85 -18.26 12.72 1.14
N TRP A 86 -18.55 13.03 -0.12
CA TRP A 86 -18.52 14.41 -0.56
C TRP A 86 -19.88 14.73 -1.11
N THR A 87 -20.46 15.83 -0.61
CA THR A 87 -21.74 16.29 -1.10
C THR A 87 -21.55 17.65 -1.71
N GLY A 88 -21.93 17.75 -2.96
CA GLY A 88 -21.82 19.01 -3.66
C GLY A 88 -22.40 18.93 -5.04
N GLN A 89 -21.98 19.83 -5.91
CA GLN A 89 -22.43 19.85 -7.28
C GLN A 89 -21.31 19.46 -8.22
N LEU A 90 -21.59 18.41 -9.00
CA LEU A 90 -20.68 17.93 -10.02
C LEU A 90 -20.81 18.92 -11.17
N GLN A 91 -19.71 19.55 -11.55
CA GLN A 91 -19.77 20.54 -12.61
C GLN A 91 -19.30 19.97 -13.94
N TYR A 92 -20.14 20.08 -14.98
CA TYR A 92 -19.74 19.69 -16.32
C TYR A 92 -19.35 20.98 -17.03
N GLN A 93 -18.21 20.95 -17.72
CA GLN A 93 -17.69 22.14 -18.38
C GLN A 93 -17.24 21.92 -19.79
N HIS A 94 -17.78 22.76 -20.64
CA HIS A 94 -17.45 22.79 -22.05
C HIS A 94 -17.76 24.22 -22.47
N PRO A 95 -16.97 24.79 -23.39
CA PRO A 95 -17.23 26.18 -23.80
C PRO A 95 -18.65 26.47 -24.28
N GLN A 96 -19.29 25.49 -24.93
CA GLN A 96 -20.62 25.65 -25.49
C GLN A 96 -21.74 25.05 -24.66
N LEU A 97 -21.40 24.45 -23.51
CA LEU A 97 -22.38 23.81 -22.65
C LEU A 97 -21.79 23.53 -21.27
N SER A 98 -22.48 23.94 -20.22
CA SER A 98 -22.02 23.69 -18.86
C SER A 98 -23.19 23.65 -17.90
N TRP A 99 -23.12 22.76 -16.92
CA TRP A 99 -24.18 22.58 -15.94
C TRP A 99 -23.68 22.03 -14.61
N ARG A 100 -24.57 22.01 -13.63
CA ARG A 100 -24.26 21.52 -12.29
C ARG A 100 -25.31 20.49 -11.90
N ALA A 101 -24.87 19.36 -11.36
CA ALA A 101 -25.77 18.30 -10.90
C ALA A 101 -25.46 17.96 -9.45
N ASN A 102 -26.51 17.78 -8.65
CA ASN A 102 -26.38 17.47 -7.24
C ASN A 102 -26.01 16.01 -7.07
N VAL A 103 -24.87 15.77 -6.45
CA VAL A 103 -24.40 14.42 -6.26
C VAL A 103 -23.87 14.25 -4.86
N THR A 104 -23.78 12.99 -4.45
CA THR A 104 -23.11 12.54 -3.25
C THR A 104 -22.25 11.37 -3.69
N LEU A 105 -20.95 11.52 -3.56
CA LEU A 105 -20.09 10.43 -3.96
C LEU A 105 -19.37 9.88 -2.77
N ASN A 106 -19.15 8.57 -2.77
CA ASN A 106 -18.47 7.93 -1.66
C ASN A 106 -17.00 7.97 -1.90
N LEU A 107 -16.24 8.13 -0.82
CA LEU A 107 -14.80 8.21 -0.89
C LEU A 107 -14.19 7.16 -0.01
N MET A 108 -13.09 6.59 -0.44
CA MET A 108 -12.31 5.71 0.40
C MET A 108 -10.83 5.78 0.17
N LYS A 109 -10.10 5.99 1.27
CA LYS A 109 -8.66 6.01 1.30
C LYS A 109 -8.20 4.58 1.55
N VAL A 110 -7.52 3.99 0.57
CA VAL A 110 -6.98 2.66 0.72
C VAL A 110 -5.49 2.81 0.52
N ASP A 111 -4.71 2.64 1.59
CA ASP A 111 -3.26 2.80 1.52
C ASP A 111 -2.95 4.17 0.95
N ASP A 112 -2.14 4.23 -0.12
CA ASP A 112 -1.77 5.49 -0.75
C ASP A 112 -2.63 5.83 -1.97
N TRP A 113 -3.91 5.41 -1.94
CA TRP A 113 -4.88 5.66 -3.00
C TRP A 113 -6.13 6.29 -2.48
N LEU A 114 -6.73 7.16 -3.30
CA LEU A 114 -8.06 7.72 -3.02
C LEU A 114 -9.03 7.18 -4.04
N VAL A 115 -10.12 6.53 -3.59
CA VAL A 115 -11.13 6.00 -4.51
C VAL A 115 -12.37 6.83 -4.45
N LEU A 116 -12.91 7.19 -5.62
CA LEU A 116 -14.19 7.91 -5.73
C LEU A 116 -15.23 6.96 -6.30
N SER A 117 -16.37 6.81 -5.61
CA SER A 117 -17.42 5.93 -6.07
C SER A 117 -18.68 6.68 -6.43
N PHE A 118 -19.04 6.63 -7.71
CA PHE A 118 -20.26 7.26 -8.18
C PHE A 118 -21.40 6.29 -8.24
N SER A 119 -22.53 6.66 -7.64
CA SER A 119 -23.80 5.95 -7.77
C SER A 119 -24.47 6.36 -9.09
N GLN A 120 -25.42 5.56 -9.59
CA GLN A 120 -26.06 5.89 -10.85
C GLN A 120 -26.53 7.34 -10.82
N MET A 121 -26.62 7.96 -11.98
CA MET A 121 -27.10 9.33 -12.04
C MET A 121 -27.72 9.66 -13.38
N THR A 122 -28.59 10.65 -13.37
CA THR A 122 -29.23 11.16 -14.58
C THR A 122 -28.84 12.61 -14.71
N THR A 123 -28.23 12.98 -15.82
CA THR A 123 -27.78 14.36 -16.00
C THR A 123 -28.27 14.89 -17.31
N ASN A 124 -28.07 16.22 -17.52
CA ASN A 124 -28.38 16.86 -18.81
C ASN A 124 -27.44 16.28 -19.87
N SER A 125 -27.68 16.64 -21.12
CA SER A 125 -26.85 16.19 -22.24
C SER A 125 -25.42 16.73 -22.15
N ILE A 126 -24.49 16.06 -22.85
CA ILE A 126 -23.06 16.45 -22.86
C ILE A 126 -22.51 16.52 -24.27
N MET A 127 -21.41 17.26 -24.43
CA MET A 127 -20.74 17.38 -25.73
C MET A 127 -19.89 16.12 -25.94
N ALA A 128 -19.32 15.97 -27.17
CA ALA A 128 -18.49 14.83 -27.52
C ALA A 128 -17.28 14.65 -26.59
N ASP A 129 -16.78 15.74 -26.01
CA ASP A 129 -15.73 15.73 -24.99
C ASP A 129 -16.03 16.83 -23.97
N GLY A 130 -15.35 16.81 -22.83
CA GLY A 130 -15.58 17.81 -21.81
C GLY A 130 -14.92 17.51 -20.50
N LYS A 131 -15.22 18.33 -19.48
CA LYS A 131 -14.60 18.20 -18.17
C LYS A 131 -15.62 18.05 -17.10
N PHE A 132 -15.28 17.29 -16.07
CA PHE A 132 -16.06 17.20 -14.85
C PHE A 132 -15.20 17.75 -13.74
N VAL A 133 -15.78 18.64 -12.93
CA VAL A 133 -15.05 19.27 -11.84
C VAL A 133 -15.74 19.01 -10.52
N ILE A 134 -14.94 18.60 -9.54
CA ILE A 134 -15.41 18.35 -8.18
C ILE A 134 -14.72 19.33 -7.26
N ASN A 135 -15.49 20.22 -6.62
CA ASN A 135 -14.90 21.19 -5.70
C ASN A 135 -14.91 20.68 -4.26
N PHE A 136 -13.75 20.22 -3.79
CA PHE A 136 -13.61 19.67 -2.46
C PHE A 136 -13.42 20.74 -1.39
N VAL A 137 -13.36 22.03 -1.81
CA VAL A 137 -13.18 23.16 -0.88
C VAL A 137 -14.25 23.10 0.24
N SER A 138 -15.44 22.62 -0.10
CA SER A 138 -16.53 22.38 0.84
C SER A 138 -17.24 21.08 0.45
N GLY A 139 -18.01 20.52 1.37
CA GLY A 139 -18.81 19.34 1.10
C GLY A 139 -18.31 18.03 1.67
N LEU A 140 -17.08 18.01 2.17
CA LEU A 140 -16.56 16.77 2.72
C LEU A 140 -17.18 16.42 4.06
N SER A 141 -17.35 15.12 4.31
CA SER A 141 -17.89 14.65 5.57
C SER A 141 -16.88 14.89 6.70
N SER A 142 -17.32 14.69 7.96
CA SER A 142 -16.48 14.94 9.14
C SER A 142 -15.24 14.06 9.18
N GLY A 143 -14.13 14.70 9.51
CA GLY A 143 -12.83 14.06 9.61
C GLY A 143 -11.98 14.32 8.39
N TRP A 144 -12.64 14.75 7.31
CA TRP A 144 -11.95 15.01 6.05
C TRP A 144 -11.64 16.48 5.82
N GLN A 145 -10.43 16.76 5.35
CA GLN A 145 -10.01 18.11 4.99
C GLN A 145 -9.83 18.15 3.48
N THR A 146 -9.95 19.33 2.87
CA THR A 146 -9.77 19.50 1.43
C THR A 146 -8.41 18.95 0.97
N GLY A 147 -7.40 19.20 1.75
CA GLY A 147 -6.06 18.74 1.42
C GLY A 147 -5.93 17.24 1.30
N ASP A 148 -6.86 16.51 1.96
CA ASP A 148 -6.86 15.05 1.94
C ASP A 148 -7.14 14.46 0.55
N THR A 149 -7.58 15.28 -0.41
CA THR A 149 -7.91 14.81 -1.74
C THR A 149 -6.85 15.16 -2.78
N GLU A 150 -5.73 15.73 -2.34
CA GLU A 150 -4.68 16.12 -3.25
C GLU A 150 -3.85 14.93 -3.75
N PRO A 151 -3.75 14.77 -5.08
CA PRO A 151 -2.97 13.69 -5.67
C PRO A 151 -1.49 13.80 -5.30
N SER A 152 -0.77 12.67 -5.35
CA SER A 152 0.63 12.65 -5.00
C SER A 152 1.54 12.80 -6.19
N SER A 153 0.96 13.12 -7.35
CA SER A 153 1.72 13.36 -8.57
C SER A 153 0.96 14.26 -9.50
N THR A 154 1.69 14.95 -10.39
CA THR A 154 1.10 15.88 -11.35
C THR A 154 0.98 15.28 -12.73
N ILE A 155 1.39 14.00 -12.87
CA ILE A 155 1.31 13.25 -14.11
C ILE A 155 -0.13 13.26 -14.64
N ASP A 156 -0.25 13.44 -15.97
CA ASP A 156 -1.54 13.51 -16.60
C ASP A 156 -1.63 12.52 -17.76
N PRO A 157 -2.55 11.54 -17.69
CA PRO A 157 -3.52 11.29 -16.60
C PRO A 157 -2.97 10.44 -15.46
N LEU A 158 -3.53 10.62 -14.26
CA LEU A 158 -3.14 9.81 -13.11
C LEU A 158 -3.76 8.44 -13.21
N SER A 159 -4.98 8.39 -13.73
CA SER A 159 -5.72 7.16 -13.99
C SER A 159 -6.86 7.39 -14.90
N THR A 160 -7.20 6.37 -15.70
CA THR A 160 -8.35 6.44 -16.60
C THR A 160 -9.27 5.26 -16.32
N THR A 161 -10.57 5.47 -16.55
CA THR A 161 -11.57 4.43 -16.43
C THR A 161 -12.69 4.67 -17.41
N PHE A 162 -13.55 3.69 -17.59
CA PHE A 162 -14.70 3.84 -18.45
C PHE A 162 -15.99 3.94 -17.63
N ALA A 163 -16.92 4.78 -18.10
CA ALA A 163 -18.24 4.90 -17.51
C ALA A 163 -19.23 4.42 -18.58
N ALA A 164 -20.19 3.58 -18.16
CA ALA A 164 -21.20 3.09 -19.10
C ALA A 164 -22.37 4.04 -19.04
N VAL A 165 -22.85 4.48 -20.21
CA VAL A 165 -23.97 5.42 -20.27
C VAL A 165 -25.06 4.97 -21.21
N GLN A 166 -26.21 5.65 -21.08
CA GLN A 166 -27.31 5.51 -22.01
C GLN A 166 -27.68 6.91 -22.44
N PHE A 167 -27.61 7.14 -23.76
CA PHE A 167 -27.99 8.42 -24.33
C PHE A 167 -29.45 8.36 -24.69
N LEU A 168 -30.23 9.37 -24.25
CA LEU A 168 -31.66 9.44 -24.59
C LEU A 168 -31.77 10.29 -25.87
N ASN A 169 -31.99 9.60 -26.98
CA ASN A 169 -32.06 10.16 -28.33
C ASN A 169 -33.30 10.97 -28.44
N ASN A 170 -34.16 10.79 -27.46
CA ASN A 170 -35.43 11.45 -27.41
C ASN A 170 -36.54 10.46 -27.60
N GLY A 171 -36.26 9.40 -28.34
CA GLY A 171 -37.22 8.33 -28.47
C GLY A 171 -36.67 7.00 -28.01
N GLN A 172 -35.36 6.87 -28.08
CA GLN A 172 -34.72 5.59 -27.85
C GLN A 172 -33.61 5.73 -26.85
N ARG A 173 -33.25 4.64 -26.21
CA ARG A 173 -32.17 4.69 -25.19
C ARG A 173 -30.96 4.00 -25.80
N ILE A 174 -29.85 4.73 -26.00
CA ILE A 174 -28.67 4.22 -26.70
C ILE A 174 -27.47 3.99 -25.80
N ASP A 175 -27.06 2.71 -25.66
CA ASP A 175 -25.91 2.31 -24.85
C ASP A 175 -24.57 2.79 -25.47
N ALA A 176 -23.71 3.38 -24.64
CA ALA A 176 -22.40 3.87 -25.07
C ALA A 176 -21.45 3.90 -23.90
N PHE A 177 -20.20 4.33 -24.14
CA PHE A 177 -19.23 4.48 -23.07
C PHE A 177 -18.61 5.86 -23.10
N ARG A 178 -18.05 6.26 -21.96
CA ARG A 178 -17.32 7.50 -21.82
C ARG A 178 -16.00 7.17 -21.13
N ILE A 179 -14.89 7.62 -21.70
CA ILE A 179 -13.59 7.42 -21.07
C ILE A 179 -13.31 8.61 -20.13
N MET A 180 -12.94 8.32 -18.88
CA MET A 180 -12.71 9.37 -17.90
C MET A 180 -11.30 9.30 -17.37
N GLY A 181 -10.61 10.42 -17.31
CA GLY A 181 -9.25 10.48 -16.78
C GLY A 181 -9.09 11.53 -15.70
N VAL A 182 -8.41 11.17 -14.61
CA VAL A 182 -8.09 12.12 -13.54
C VAL A 182 -6.91 12.93 -14.07
N SER A 183 -7.09 14.22 -14.25
CA SER A 183 -6.07 15.03 -14.92
C SER A 183 -5.44 16.16 -14.14
N GLU A 184 -6.15 16.72 -13.16
CA GLU A 184 -5.64 17.89 -12.45
C GLU A 184 -6.30 18.11 -11.13
N TRP A 185 -5.56 18.74 -10.22
CA TRP A 185 -6.07 19.15 -8.91
C TRP A 185 -5.53 20.53 -8.64
N THR A 186 -6.41 21.50 -8.43
CA THR A 186 -5.99 22.87 -8.21
C THR A 186 -6.78 23.50 -7.09
N ASP A 187 -6.09 23.77 -5.97
CA ASP A 187 -6.66 24.41 -4.79
C ASP A 187 -7.98 23.78 -4.35
N GLY A 188 -8.02 22.44 -4.38
CA GLY A 188 -9.20 21.71 -3.95
C GLY A 188 -10.18 21.34 -5.03
N GLU A 189 -9.92 21.77 -6.27
CA GLU A 189 -10.78 21.43 -7.37
C GLU A 189 -10.18 20.27 -8.18
N LEU A 190 -10.83 19.10 -8.15
CA LEU A 190 -10.39 17.95 -8.93
C LEU A 190 -11.00 17.99 -10.31
N GLU A 191 -10.20 17.77 -11.33
CA GLU A 191 -10.66 17.80 -12.71
C GLU A 191 -10.59 16.43 -13.35
N ILE A 192 -11.73 15.94 -13.82
CA ILE A 192 -11.84 14.65 -14.52
C ILE A 192 -12.21 14.90 -15.97
N LYS A 193 -11.26 14.66 -16.88
CA LYS A 193 -11.50 14.89 -18.29
C LYS A 193 -12.28 13.74 -18.94
N ASN A 194 -13.26 14.08 -19.79
CA ASN A 194 -13.94 13.08 -20.60
C ASN A 194 -13.42 13.23 -22.03
N TYR A 195 -12.37 12.47 -22.35
CA TYR A 195 -11.70 12.51 -23.66
C TYR A 195 -12.63 12.21 -24.83
N GLY A 196 -13.64 11.39 -24.56
CA GLY A 196 -14.59 11.01 -25.59
C GLY A 196 -15.20 9.64 -25.34
N GLY A 197 -15.33 8.88 -26.40
CA GLY A 197 -15.94 7.56 -26.39
C GLY A 197 -17.01 7.56 -27.45
N THR A 198 -17.89 6.53 -27.45
CA THR A 198 -18.98 6.46 -28.43
C THR A 198 -20.02 7.54 -28.14
N TYR A 199 -20.68 8.05 -29.19
CA TYR A 199 -21.56 9.20 -29.00
C TYR A 199 -22.67 9.29 -30.02
N THR A 200 -23.79 9.89 -29.62
CA THR A 200 -24.93 10.18 -30.48
C THR A 200 -25.65 11.39 -29.94
N GLY A 201 -26.42 12.05 -30.80
CA GLY A 201 -27.21 13.20 -30.39
C GLY A 201 -28.20 12.78 -29.34
N HIS A 202 -28.32 13.58 -28.28
CA HIS A 202 -29.17 13.21 -27.16
C HIS A 202 -29.68 14.40 -26.37
N THR A 203 -30.66 14.16 -25.51
CA THR A 203 -31.36 15.14 -24.68
C THR A 203 -30.88 15.04 -23.23
N GLN A 204 -30.52 13.81 -22.84
CA GLN A 204 -30.13 13.49 -21.48
C GLN A 204 -29.34 12.24 -21.38
N VAL A 205 -28.59 12.13 -20.27
CA VAL A 205 -27.68 11.01 -20.06
C VAL A 205 -27.99 10.21 -18.80
N TYR A 206 -28.10 8.89 -18.95
CA TYR A 206 -28.19 8.03 -17.81
C TYR A 206 -26.80 7.40 -17.62
N TRP A 207 -26.22 7.58 -16.43
CA TRP A 207 -24.91 7.04 -16.10
C TRP A 207 -25.04 5.88 -15.15
N ALA A 208 -24.46 4.73 -15.52
CA ALA A 208 -24.41 3.60 -14.62
C ALA A 208 -23.37 3.94 -13.52
N PRO A 209 -23.34 3.22 -12.38
CA PRO A 209 -22.32 3.53 -11.38
C PRO A 209 -20.91 3.29 -11.94
N TRP A 210 -19.93 3.95 -11.34
CA TRP A 210 -18.53 3.78 -11.72
C TRP A 210 -17.60 4.27 -10.64
N THR A 211 -16.39 3.75 -10.63
CA THR A 211 -15.37 4.18 -9.68
C THR A 211 -14.14 4.64 -10.42
N ILE A 212 -13.42 5.56 -9.80
CA ILE A 212 -12.15 6.02 -10.31
C ILE A 212 -11.22 6.26 -9.11
N MET A 213 -9.94 5.91 -9.26
CA MET A 213 -9.00 6.13 -8.17
C MET A 213 -7.72 6.75 -8.65
N TYR A 214 -7.01 7.42 -7.75
CA TYR A 214 -5.75 8.01 -8.10
C TYR A 214 -4.78 7.99 -6.90
N PRO A 215 -3.47 8.10 -7.14
CA PRO A 215 -2.53 8.08 -6.02
C PRO A 215 -2.67 9.30 -5.15
N CYS A 216 -2.64 9.08 -3.83
CA CYS A 216 -2.88 10.12 -2.84
C CYS A 216 -2.23 9.68 -1.52
N ASN A 217 -1.16 10.38 -1.08
CA ASN A 217 -0.44 9.98 0.13
C ASN A 217 -0.63 10.91 1.34
N VAL A 218 -1.82 11.46 1.50
CA VAL A 218 -2.14 12.34 2.61
C VAL A 218 -2.88 11.52 3.70
N LYS B 14 40.03 5.01 59.72
CA LYS B 14 39.58 5.77 58.56
C LYS B 14 38.04 5.61 58.37
N ILE B 15 37.58 4.38 57.99
CA ILE B 15 36.18 4.00 57.69
C ILE B 15 35.47 3.48 58.95
N ASP B 16 34.54 4.27 59.44
CA ASP B 16 33.77 3.88 60.61
C ASP B 16 32.57 2.93 60.22
N SER B 17 31.58 3.45 59.45
CA SER B 17 30.39 2.74 58.97
C SER B 17 30.37 2.66 57.41
N VAL B 18 29.42 1.88 56.84
CA VAL B 18 29.29 1.66 55.40
C VAL B 18 27.80 1.64 55.01
N LEU B 19 27.35 2.45 54.03
CA LEU B 19 25.94 2.48 53.59
C LEU B 19 25.67 1.66 52.31
N PRO B 20 24.46 1.01 52.19
CA PRO B 20 24.10 0.30 50.94
C PRO B 20 24.32 1.08 49.65
N PRO B 21 24.70 0.41 48.54
CA PRO B 21 24.84 -1.03 48.28
C PRO B 21 25.94 -1.76 49.06
N LEU B 22 26.92 -0.97 49.57
CA LEU B 22 28.04 -1.42 50.37
C LEU B 22 27.59 -2.00 51.70
N THR B 23 28.15 -3.19 52.04
CA THR B 23 27.89 -3.97 53.27
C THR B 23 29.15 -4.65 53.78
N VAL B 24 29.24 -4.84 55.11
CA VAL B 24 30.40 -5.46 55.76
C VAL B 24 29.94 -6.70 56.55
N ARG B 25 30.25 -7.93 56.07
CA ARG B 25 29.84 -9.17 56.76
C ARG B 25 30.95 -9.83 57.57
N GLU B 26 30.79 -9.91 58.91
CA GLU B 26 31.78 -10.59 59.76
C GLU B 26 31.40 -12.04 59.95
N ALA B 27 31.91 -12.87 59.05
CA ALA B 27 31.72 -14.30 59.02
C ALA B 27 33.09 -14.94 59.25
N SER B 28 33.16 -15.83 60.27
CA SER B 28 34.39 -16.54 60.71
C SER B 28 35.45 -15.53 61.25
N GLY B 29 34.97 -14.61 62.10
CA GLY B 29 35.77 -13.57 62.75
C GLY B 29 36.49 -12.56 61.86
N VAL B 30 36.34 -12.73 60.51
CA VAL B 30 36.92 -11.90 59.44
C VAL B 30 35.88 -10.96 58.74
N ARG B 31 36.08 -9.62 58.92
CA ARG B 31 35.23 -8.55 58.37
C ARG B 31 35.54 -8.36 56.87
N THR B 32 34.51 -8.58 56.00
CA THR B 32 34.62 -8.49 54.53
C THR B 32 33.65 -7.49 53.92
N LEU B 33 34.19 -6.57 53.09
CA LEU B 33 33.42 -5.52 52.43
C LEU B 33 33.02 -5.93 51.00
N SER B 34 31.71 -5.85 50.69
CA SER B 34 31.18 -6.24 49.38
C SER B 34 30.17 -5.27 48.81
N PHE B 35 30.06 -5.26 47.48
CA PHE B 35 29.15 -4.38 46.76
C PHE B 35 27.91 -5.16 46.34
N GLY B 36 26.75 -4.67 46.76
CA GLY B 36 25.47 -5.32 46.47
C GLY B 36 24.85 -4.89 45.16
N TYR B 37 24.43 -5.85 44.31
CA TYR B 37 23.79 -5.45 43.05
C TYR B 37 22.65 -6.36 42.65
N ASP B 38 21.77 -5.87 41.75
CA ASP B 38 20.67 -6.64 41.18
C ASP B 38 21.22 -7.63 40.16
N THR B 39 21.03 -8.91 40.48
CA THR B 39 21.48 -10.10 39.77
C THR B 39 21.01 -10.19 38.33
N SER B 40 19.76 -9.77 38.04
CA SER B 40 19.17 -9.77 36.69
C SER B 40 19.60 -8.54 35.89
N ASP B 41 20.11 -7.53 36.55
CA ASP B 41 20.49 -6.32 35.87
C ASP B 41 21.96 -6.29 35.51
N PHE B 42 22.77 -6.75 36.49
CA PHE B 42 24.23 -6.73 36.46
C PHE B 42 24.89 -8.08 36.72
N THR B 43 26.20 -8.14 36.43
CA THR B 43 27.06 -9.29 36.65
C THR B 43 28.52 -8.89 36.69
N ILE B 44 29.31 -9.67 37.43
CA ILE B 44 30.75 -9.46 37.56
C ILE B 44 31.45 -10.37 36.59
N ILE B 45 32.20 -9.75 35.68
CA ILE B 45 32.99 -10.42 34.65
C ILE B 45 34.32 -9.71 34.72
N ASN B 46 35.41 -10.46 34.77
CA ASN B 46 36.75 -9.89 34.85
C ASN B 46 36.89 -8.95 36.07
N SER B 47 36.26 -9.35 37.18
CA SER B 47 36.25 -8.63 38.45
C SER B 47 35.75 -7.18 38.37
N VAL B 48 34.83 -6.91 37.40
CA VAL B 48 34.22 -5.59 37.20
C VAL B 48 32.69 -5.67 37.10
N LEU B 49 32.00 -4.57 37.43
CA LEU B 49 30.54 -4.49 37.28
C LEU B 49 30.29 -4.30 35.79
N SER B 50 29.46 -5.19 35.27
CA SER B 50 29.11 -5.26 33.85
C SER B 50 27.63 -5.46 33.72
N LEU B 51 27.07 -5.05 32.60
CA LEU B 51 25.64 -5.19 32.41
C LEU B 51 25.37 -6.53 31.86
N ARG B 52 24.45 -7.21 32.47
CA ARG B 52 23.99 -8.50 32.02
C ARG B 52 22.98 -8.10 30.92
N SER B 53 23.06 -8.78 29.76
CA SER B 53 22.19 -8.55 28.59
C SER B 53 22.08 -7.07 28.12
N ARG B 54 23.08 -6.60 27.35
CA ARG B 54 23.05 -5.26 26.77
C ARG B 54 22.14 -5.35 25.53
N LEU B 55 21.01 -4.62 25.56
CA LEU B 55 20.02 -4.67 24.48
C LEU B 55 20.43 -3.92 23.24
N THR B 56 20.48 -4.66 22.13
CA THR B 56 20.82 -4.10 20.84
C THR B 56 19.56 -3.74 20.02
N LEU B 57 19.50 -2.48 19.58
CA LEU B 57 18.38 -1.91 18.84
C LEU B 57 18.32 -2.43 17.42
N PRO B 58 17.12 -2.85 16.93
CA PRO B 58 17.04 -3.42 15.57
C PRO B 58 17.23 -2.42 14.46
N THR B 59 17.60 -2.92 13.28
CA THR B 59 17.74 -2.13 12.06
C THR B 59 16.40 -2.22 11.30
N TYR B 60 16.26 -1.51 10.18
CA TYR B 60 15.00 -1.51 9.44
C TYR B 60 15.19 -1.70 7.95
N ARG B 61 14.39 -2.61 7.37
CA ARG B 61 14.43 -2.89 5.93
C ARG B 61 13.39 -2.03 5.21
N TYR B 62 13.76 -1.49 4.04
CA TYR B 62 12.89 -0.67 3.20
C TYR B 62 11.57 -1.40 2.94
N PRO B 63 10.41 -0.70 2.95
CA PRO B 63 10.18 0.75 3.10
C PRO B 63 10.22 1.33 4.50
N LEU B 64 10.61 0.53 5.50
CA LEU B 64 10.76 1.04 6.86
C LEU B 64 12.13 1.67 6.96
N GLU B 65 12.21 2.84 7.62
CA GLU B 65 13.49 3.52 7.79
C GLU B 65 13.58 4.24 9.12
N LEU B 66 14.81 4.41 9.65
CA LEU B 66 15.00 5.15 10.88
C LEU B 66 15.44 6.55 10.57
N ASP B 67 14.63 7.54 10.97
CA ASP B 67 14.98 8.95 10.83
C ASP B 67 15.86 9.24 12.04
N THR B 68 17.19 9.16 11.84
CA THR B 68 18.18 9.33 12.91
C THR B 68 18.17 10.71 13.55
N ALA B 69 17.80 11.73 12.78
CA ALA B 69 17.72 13.10 13.25
C ALA B 69 16.69 13.29 14.38
N ASN B 70 15.54 12.60 14.27
CA ASN B 70 14.47 12.74 15.26
C ASN B 70 14.20 11.44 15.99
N ASN B 71 15.08 10.43 15.79
CA ASN B 71 14.95 9.08 16.37
C ASN B 71 13.51 8.58 16.19
N ARG B 72 13.07 8.52 14.93
CA ARG B 72 11.72 8.09 14.61
C ARG B 72 11.72 7.09 13.48
N VAL B 73 10.93 6.04 13.65
CA VAL B 73 10.78 5.02 12.61
C VAL B 73 9.60 5.42 11.74
N GLN B 74 9.76 5.31 10.42
CA GLN B 74 8.70 5.71 9.51
C GLN B 74 8.69 4.88 8.25
N VAL B 75 7.63 5.03 7.44
CA VAL B 75 7.56 4.45 6.12
C VAL B 75 8.18 5.52 5.19
N ALA B 76 9.13 5.10 4.33
CA ALA B 76 9.77 6.00 3.37
C ALA B 76 8.74 6.70 2.49
N ASP B 77 8.97 7.99 2.23
CA ASP B 77 8.06 8.79 1.40
C ASP B 77 7.90 8.27 -0.02
N ARG B 78 9.01 7.79 -0.59
CA ARG B 78 9.02 7.26 -1.94
C ARG B 78 8.15 6.05 -2.15
N PHE B 79 7.86 5.34 -1.04
CA PHE B 79 7.03 4.16 -1.11
C PHE B 79 5.62 4.47 -1.63
N GLY B 80 5.07 5.60 -1.21
CA GLY B 80 3.77 6.07 -1.65
C GLY B 80 3.77 6.64 -3.06
N MET B 81 4.93 7.17 -3.48
CA MET B 81 5.04 7.76 -4.81
C MET B 81 6.44 7.92 -5.30
N ARG B 82 6.74 7.28 -6.41
CA ARG B 82 8.03 7.41 -7.07
C ARG B 82 7.75 7.56 -8.57
N THR B 83 8.13 8.69 -9.14
CA THR B 83 7.85 8.93 -10.56
C THR B 83 9.04 8.65 -11.44
N GLY B 84 8.78 8.50 -12.72
CA GLY B 84 9.80 8.26 -13.73
C GLY B 84 9.22 8.33 -15.12
N THR B 85 10.07 8.13 -16.11
CA THR B 85 9.63 8.14 -17.50
C THR B 85 10.37 7.06 -18.25
N TRP B 86 9.71 6.53 -19.28
CA TRP B 86 10.37 5.61 -20.19
C TRP B 86 10.26 6.19 -21.57
N THR B 87 11.40 6.28 -22.25
CA THR B 87 11.43 6.76 -23.62
C THR B 87 11.95 5.66 -24.48
N GLY B 88 11.15 5.31 -25.47
CA GLY B 88 11.51 4.26 -26.40
C GLY B 88 10.50 4.11 -27.49
N GLN B 89 10.50 2.95 -28.12
CA GLN B 89 9.56 2.65 -29.18
C GLN B 89 8.59 1.59 -28.73
N LEU B 90 7.30 1.94 -28.82
CA LEU B 90 6.20 1.06 -28.50
C LEU B 90 6.09 0.12 -29.71
N GLN B 91 6.22 -1.18 -29.47
CA GLN B 91 6.17 -2.12 -30.57
C GLN B 91 4.83 -2.78 -30.67
N TYR B 92 4.20 -2.70 -31.85
CA TYR B 92 2.97 -3.42 -32.09
C TYR B 92 3.34 -4.67 -32.87
N GLN B 93 2.80 -5.82 -32.45
CA GLN B 93 3.15 -7.09 -33.04
C GLN B 93 1.98 -7.96 -33.39
N HIS B 94 1.96 -8.38 -34.63
CA HIS B 94 0.99 -9.30 -35.15
C HIS B 94 1.70 -9.98 -36.31
N PRO B 95 1.45 -11.27 -36.55
CA PRO B 95 2.12 -11.97 -37.64
C PRO B 95 2.01 -11.30 -39.01
N GLN B 96 0.87 -10.63 -39.29
CA GLN B 96 0.60 -10.00 -40.57
C GLN B 96 0.82 -8.50 -40.59
N LEU B 97 1.19 -7.91 -39.45
CA LEU B 97 1.40 -6.47 -39.33
C LEU B 97 2.17 -6.13 -38.07
N SER B 98 3.23 -5.32 -38.20
CA SER B 98 4.02 -4.91 -37.05
C SER B 98 4.70 -3.59 -37.32
N TRP B 99 4.81 -2.75 -36.28
CA TRP B 99 5.41 -1.42 -36.39
C TRP B 99 5.96 -0.90 -35.07
N ARG B 100 6.68 0.22 -35.14
CA ARG B 100 7.26 0.84 -33.96
C ARG B 100 6.87 2.31 -33.94
N ALA B 101 6.43 2.80 -32.78
CA ALA B 101 6.07 4.20 -32.62
C ALA B 101 6.81 4.81 -31.47
N ASN B 102 7.30 6.04 -31.65
CA ASN B 102 8.07 6.75 -30.63
C ASN B 102 7.16 7.27 -29.57
N VAL B 103 7.37 6.81 -28.34
CA VAL B 103 6.55 7.22 -27.23
C VAL B 103 7.39 7.59 -26.03
N THR B 104 6.78 8.34 -25.13
CA THR B 104 7.30 8.63 -23.82
C THR B 104 6.13 8.40 -22.89
N LEU B 105 6.30 7.43 -21.99
CA LEU B 105 5.22 7.17 -21.05
C LEU B 105 5.65 7.48 -19.65
N ASN B 106 4.73 7.96 -18.85
CA ASN B 106 5.02 8.30 -17.48
C ASN B 106 4.84 7.08 -16.63
N LEU B 107 5.67 6.95 -15.61
CA LEU B 107 5.63 5.82 -14.71
C LEU B 107 5.49 6.29 -13.31
N MET B 108 4.74 5.55 -12.49
CA MET B 108 4.69 5.81 -11.07
C MET B 108 4.55 4.59 -10.22
N LYS B 109 5.43 4.46 -9.24
CA LYS B 109 5.42 3.40 -8.25
C LYS B 109 4.58 3.89 -7.09
N VAL B 110 3.46 3.23 -6.85
CA VAL B 110 2.61 3.57 -5.74
C VAL B 110 2.52 2.30 -4.91
N ASP B 111 3.13 2.31 -3.71
CA ASP B 111 3.16 1.13 -2.85
C ASP B 111 3.72 -0.05 -3.64
N ASP B 112 2.96 -1.15 -3.68
CA ASP B 112 3.40 -2.33 -4.40
C ASP B 112 2.80 -2.44 -5.81
N TRP B 113 2.57 -1.28 -6.45
CA TRP B 113 2.01 -1.20 -7.79
C TRP B 113 2.86 -0.35 -8.70
N LEU B 114 2.91 -0.72 -9.99
CA LEU B 114 3.56 0.11 -11.00
C LEU B 114 2.48 0.63 -11.94
N VAL B 115 2.38 1.94 -12.11
CA VAL B 115 1.38 2.54 -13.01
C VAL B 115 2.05 3.08 -14.26
N LEU B 116 1.50 2.76 -15.42
CA LEU B 116 1.99 3.28 -16.69
C LEU B 116 0.96 4.27 -17.23
N SER B 117 1.37 5.48 -17.57
CA SER B 117 0.47 6.48 -18.09
C SER B 117 0.79 6.86 -19.53
N PHE B 118 -0.14 6.56 -20.44
CA PHE B 118 0.01 6.92 -21.84
C PHE B 118 -0.70 8.21 -22.14
N SER B 119 -0.03 9.12 -22.81
CA SER B 119 -0.64 10.32 -23.32
C SER B 119 -1.27 9.99 -24.64
N GLN B 120 -2.05 10.89 -25.21
CA GLN B 120 -2.70 10.61 -26.50
C GLN B 120 -1.63 10.23 -27.54
N MET B 121 -2.00 9.46 -28.53
CA MET B 121 -1.05 9.12 -29.58
C MET B 121 -1.76 8.78 -30.86
N THR B 122 -1.04 8.93 -31.97
CA THR B 122 -1.52 8.59 -33.30
C THR B 122 -0.59 7.53 -33.87
N THR B 123 -1.11 6.37 -34.21
CA THR B 123 -0.29 5.29 -34.72
C THR B 123 -0.81 4.81 -36.05
N ASN B 124 -0.05 3.88 -36.68
CA ASN B 124 -0.49 3.18 -37.89
C ASN B 124 -1.68 2.30 -37.51
N SER B 125 -2.30 1.69 -38.52
CA SER B 125 -3.45 0.82 -38.30
C SER B 125 -3.07 -0.45 -37.53
N ILE B 126 -4.06 -1.14 -36.95
CA ILE B 126 -3.84 -2.37 -36.19
C ILE B 126 -4.79 -3.47 -36.61
N MET B 127 -4.44 -4.73 -36.30
CA MET B 127 -5.30 -5.90 -36.58
C MET B 127 -6.36 -5.98 -35.47
N ALA B 128 -7.33 -6.90 -35.65
CA ALA B 128 -8.41 -7.14 -34.71
C ALA B 128 -7.91 -7.51 -33.32
N ASP B 129 -6.75 -8.16 -33.23
CA ASP B 129 -6.08 -8.44 -31.96
C ASP B 129 -4.56 -8.28 -32.19
N GLY B 130 -3.80 -8.26 -31.11
CA GLY B 130 -2.37 -8.10 -31.24
C GLY B 130 -1.66 -7.83 -29.93
N LYS B 131 -0.36 -7.55 -30.00
CA LYS B 131 0.45 -7.34 -28.82
C LYS B 131 1.15 -6.00 -28.87
N PHE B 132 1.33 -5.41 -27.71
CA PHE B 132 2.16 -4.22 -27.55
C PHE B 132 3.29 -4.62 -26.66
N VAL B 133 4.51 -4.24 -27.05
CA VAL B 133 5.70 -4.57 -26.30
C VAL B 133 6.47 -3.34 -25.95
N ILE B 134 6.85 -3.26 -24.66
CA ILE B 134 7.64 -2.17 -24.14
C ILE B 134 8.97 -2.73 -23.66
N ASN B 135 10.07 -2.30 -24.29
CA ASN B 135 11.39 -2.78 -23.88
C ASN B 135 12.05 -1.86 -22.87
N PHE B 136 12.02 -2.28 -21.60
CA PHE B 136 12.57 -1.50 -20.50
C PHE B 136 14.08 -1.67 -20.35
N VAL B 137 14.69 -2.56 -21.17
CA VAL B 137 16.13 -2.81 -21.14
C VAL B 137 16.92 -1.48 -21.22
N SER B 138 16.39 -0.52 -21.97
CA SER B 138 16.92 0.82 -22.08
C SER B 138 15.75 1.81 -22.12
N GLY B 139 16.04 3.07 -21.87
CA GLY B 139 15.03 4.13 -21.95
C GLY B 139 14.49 4.67 -20.65
N LEU B 140 14.76 4.00 -19.55
CA LEU B 140 14.27 4.49 -18.28
C LEU B 140 14.98 5.74 -17.81
N SER B 141 14.26 6.63 -17.13
CA SER B 141 14.84 7.85 -16.59
C SER B 141 15.76 7.50 -15.43
N SER B 142 16.54 8.50 -14.96
CA SER B 142 17.52 8.30 -13.89
C SER B 142 16.92 7.86 -12.57
N GLY B 143 17.55 6.88 -11.97
CA GLY B 143 17.10 6.31 -10.70
C GLY B 143 16.41 4.99 -10.91
N TRP B 144 15.98 4.74 -12.15
CA TRP B 144 15.23 3.54 -12.48
C TRP B 144 16.08 2.48 -13.14
N GLN B 145 15.92 1.23 -12.70
CA GLN B 145 16.61 0.07 -13.27
C GLN B 145 15.57 -0.78 -13.98
N THR B 146 15.98 -1.55 -14.99
CA THR B 146 15.06 -2.43 -15.71
C THR B 146 14.30 -3.36 -14.79
N GLY B 147 15.00 -3.87 -13.79
CA GLY B 147 14.41 -4.79 -12.82
C GLY B 147 13.26 -4.20 -12.05
N ASP B 148 13.24 -2.85 -11.94
CA ASP B 148 12.19 -2.12 -11.24
C ASP B 148 10.80 -2.28 -11.88
N THR B 149 10.72 -2.81 -13.10
CA THR B 149 9.45 -2.96 -13.81
C THR B 149 8.94 -4.39 -13.81
N GLU B 150 9.60 -5.28 -13.09
CA GLU B 150 9.21 -6.68 -13.07
C GLU B 150 7.99 -6.92 -12.17
N PRO B 151 6.94 -7.54 -12.75
CA PRO B 151 5.72 -7.86 -11.98
C PRO B 151 6.00 -8.83 -10.84
N SER B 152 5.16 -8.79 -9.81
CA SER B 152 5.33 -9.64 -8.65
C SER B 152 4.53 -10.92 -8.73
N SER B 153 3.97 -11.21 -9.90
CA SER B 153 3.23 -12.44 -10.14
C SER B 153 3.24 -12.81 -11.62
N THR B 154 3.06 -14.10 -11.90
CA THR B 154 3.06 -14.61 -13.28
C THR B 154 1.66 -14.85 -13.80
N ILE B 155 0.64 -14.56 -12.97
CA ILE B 155 -0.76 -14.70 -13.33
C ILE B 155 -1.05 -13.91 -14.61
N ASP B 156 -1.84 -14.50 -15.49
CA ASP B 156 -2.20 -13.87 -16.74
C ASP B 156 -3.72 -13.85 -16.92
N PRO B 157 -4.32 -12.66 -17.03
CA PRO B 157 -3.69 -11.31 -16.97
C PRO B 157 -3.51 -10.78 -15.56
N LEU B 158 -2.51 -9.91 -15.37
CA LEU B 158 -2.28 -9.26 -14.08
C LEU B 158 -3.30 -8.16 -13.87
N SER B 159 -3.65 -7.48 -14.96
CA SER B 159 -4.66 -6.44 -14.96
C SER B 159 -5.10 -6.13 -16.36
N THR B 160 -6.35 -5.71 -16.49
CA THR B 160 -6.89 -5.31 -17.77
C THR B 160 -7.48 -3.93 -17.66
N THR B 161 -7.46 -3.18 -18.78
CA THR B 161 -8.07 -1.86 -18.88
C THR B 161 -8.57 -1.62 -20.29
N PHE B 162 -9.35 -0.57 -20.44
CA PHE B 162 -9.82 -0.23 -21.77
C PHE B 162 -9.15 1.04 -22.27
N ALA B 163 -8.85 1.07 -23.58
CA ALA B 163 -8.32 2.25 -24.23
C ALA B 163 -9.38 2.74 -25.22
N ALA B 164 -9.64 4.05 -25.23
CA ALA B 164 -10.63 4.60 -26.16
C ALA B 164 -9.90 5.01 -27.40
N VAL B 165 -10.40 4.59 -28.57
CA VAL B 165 -9.75 4.92 -29.82
C VAL B 165 -10.71 5.50 -30.85
N GLN B 166 -10.13 6.06 -31.90
CA GLN B 166 -10.84 6.50 -33.07
C GLN B 166 -10.15 5.89 -34.25
N PHE B 167 -10.91 5.12 -35.03
CA PHE B 167 -10.39 4.49 -36.24
C PHE B 167 -10.62 5.44 -37.38
N LEU B 168 -9.55 5.76 -38.12
CA LEU B 168 -9.62 6.67 -39.26
C LEU B 168 -9.74 5.84 -40.48
N ASN B 169 -10.84 6.03 -41.22
CA ASN B 169 -11.02 5.29 -42.45
C ASN B 169 -11.65 6.11 -43.52
N ASN B 170 -10.79 6.66 -44.39
CA ASN B 170 -11.19 7.52 -45.49
C ASN B 170 -12.01 8.74 -45.04
N GLY B 171 -11.34 9.54 -44.21
CA GLY B 171 -11.87 10.79 -43.71
C GLY B 171 -12.75 10.71 -42.49
N GLN B 172 -13.54 9.63 -42.35
CA GLN B 172 -14.41 9.50 -41.19
C GLN B 172 -13.72 8.95 -39.92
N ARG B 173 -14.01 9.53 -38.74
CA ARG B 173 -13.43 9.06 -37.48
C ARG B 173 -14.44 8.19 -36.77
N ILE B 174 -14.11 6.92 -36.53
CA ILE B 174 -15.01 5.96 -35.87
C ILE B 174 -14.59 5.60 -34.46
N ASP B 175 -15.40 5.97 -33.46
CA ASP B 175 -15.14 5.69 -32.05
C ASP B 175 -15.26 4.20 -31.73
N ALA B 176 -14.28 3.68 -30.98
CA ALA B 176 -14.25 2.28 -30.57
C ALA B 176 -13.44 2.12 -29.29
N PHE B 177 -13.34 0.90 -28.79
CA PHE B 177 -12.52 0.63 -27.63
C PHE B 177 -11.58 -0.54 -27.91
N ARG B 178 -10.52 -0.62 -27.13
CA ARG B 178 -9.57 -1.71 -27.19
C ARG B 178 -9.35 -2.18 -25.75
N ILE B 179 -9.45 -3.50 -25.53
CA ILE B 179 -9.18 -4.05 -24.20
C ILE B 179 -7.71 -4.42 -24.12
N MET B 180 -7.04 -3.97 -23.08
CA MET B 180 -5.61 -4.20 -22.92
C MET B 180 -5.34 -4.95 -21.63
N GLY B 181 -4.52 -6.00 -21.71
CA GLY B 181 -4.16 -6.77 -20.54
C GLY B 181 -2.66 -6.92 -20.39
N VAL B 182 -2.16 -6.74 -19.15
CA VAL B 182 -0.74 -6.95 -18.85
C VAL B 182 -0.62 -8.47 -18.75
N SER B 183 0.18 -9.07 -19.63
CA SER B 183 0.24 -10.52 -19.71
C SER B 183 1.57 -11.18 -19.42
N GLU B 184 2.69 -10.48 -19.68
CA GLU B 184 3.98 -11.10 -19.53
C GLU B 184 5.11 -10.10 -19.41
N TRP B 185 6.17 -10.54 -18.73
CA TRP B 185 7.40 -9.77 -18.59
C TRP B 185 8.54 -10.73 -18.77
N THR B 186 9.40 -10.46 -19.74
CA THR B 186 10.51 -11.35 -20.02
C THR B 186 11.78 -10.57 -20.29
N ASP B 187 12.73 -10.69 -19.35
CA ASP B 187 14.04 -10.04 -19.44
C ASP B 187 13.94 -8.55 -19.78
N GLY B 188 13.00 -7.87 -19.15
CA GLY B 188 12.81 -6.44 -19.34
C GLY B 188 11.83 -6.04 -20.41
N GLU B 189 11.23 -7.01 -21.09
CA GLU B 189 10.24 -6.72 -22.11
C GLU B 189 8.84 -6.97 -21.55
N LEU B 190 8.07 -5.89 -21.38
CA LEU B 190 6.68 -6.00 -20.91
C LEU B 190 5.76 -6.21 -22.08
N GLU B 191 4.86 -7.18 -21.96
CA GLU B 191 3.93 -7.47 -23.03
C GLU B 191 2.50 -7.15 -22.62
N ILE B 192 1.85 -6.29 -23.41
CA ILE B 192 0.45 -5.89 -23.20
C ILE B 192 -0.39 -6.42 -24.35
N LYS B 193 -1.23 -7.40 -24.07
CA LYS B 193 -2.05 -8.01 -25.10
C LYS B 193 -3.29 -7.18 -25.39
N ASN B 194 -3.62 -7.02 -26.68
CA ASN B 194 -4.86 -6.39 -27.08
C ASN B 194 -5.78 -7.52 -27.54
N TYR B 195 -6.60 -8.06 -26.62
CA TYR B 195 -7.51 -9.18 -26.90
C TYR B 195 -8.50 -8.88 -27.98
N GLY B 196 -8.87 -7.61 -28.12
CA GLY B 196 -9.84 -7.19 -29.10
C GLY B 196 -10.61 -5.95 -28.69
N GLY B 197 -11.90 -5.98 -28.94
CA GLY B 197 -12.81 -4.87 -28.70
C GLY B 197 -13.52 -4.58 -29.99
N THR B 198 -14.22 -3.44 -30.08
CA THR B 198 -14.92 -3.06 -31.31
C THR B 198 -13.91 -2.72 -32.41
N TYR B 199 -14.27 -2.97 -33.66
CA TYR B 199 -13.32 -2.80 -34.75
C TYR B 199 -13.97 -2.50 -36.10
N THR B 200 -13.23 -1.79 -36.94
CA THR B 200 -13.61 -1.49 -38.31
C THR B 200 -12.35 -1.32 -39.14
N GLY B 201 -12.47 -1.49 -40.46
CA GLY B 201 -11.34 -1.32 -41.35
C GLY B 201 -10.88 0.11 -41.26
N HIS B 202 -9.56 0.34 -41.17
CA HIS B 202 -9.03 1.68 -40.96
C HIS B 202 -7.61 1.83 -41.48
N THR B 203 -7.14 3.06 -41.60
CA THR B 203 -5.84 3.48 -42.12
C THR B 203 -4.93 3.85 -40.97
N GLN B 204 -5.50 4.39 -39.89
CA GLN B 204 -4.77 4.94 -38.76
C GLN B 204 -5.58 5.00 -37.49
N VAL B 205 -4.89 5.03 -36.35
CA VAL B 205 -5.57 5.00 -35.06
C VAL B 205 -5.24 6.20 -34.21
N TYR B 206 -6.27 6.85 -33.67
CA TYR B 206 -6.05 7.88 -32.69
C TYR B 206 -6.39 7.26 -31.33
N TRP B 207 -5.45 7.32 -30.41
CA TRP B 207 -5.63 6.76 -29.08
C TRP B 207 -5.77 7.88 -28.07
N ALA B 208 -6.85 7.85 -27.30
CA ALA B 208 -7.02 8.80 -26.21
C ALA B 208 -6.05 8.37 -25.09
N PRO B 209 -5.75 9.24 -24.10
CA PRO B 209 -4.85 8.81 -23.02
C PRO B 209 -5.45 7.64 -22.25
N TRP B 210 -4.58 6.87 -21.58
CA TRP B 210 -5.01 5.74 -20.76
C TRP B 210 -3.92 5.31 -19.80
N THR B 211 -4.32 4.68 -18.71
CA THR B 211 -3.37 4.16 -17.73
C THR B 211 -3.62 2.70 -17.53
N ILE B 212 -2.56 1.99 -17.17
CA ILE B 212 -2.62 0.59 -16.82
C ILE B 212 -1.65 0.34 -15.67
N MET B 213 -2.05 -0.51 -14.71
CA MET B 213 -1.17 -0.80 -13.60
C MET B 213 -1.12 -2.27 -13.30
N TYR B 214 -0.05 -2.71 -12.66
CA TYR B 214 0.09 -4.10 -12.28
C TYR B 214 0.89 -4.23 -10.99
N PRO B 215 0.74 -5.36 -10.26
CA PRO B 215 1.49 -5.53 -9.02
C PRO B 215 2.99 -5.62 -9.28
N CYS B 216 3.76 -4.93 -8.44
CA CYS B 216 5.21 -4.81 -8.60
C CYS B 216 5.81 -4.46 -7.24
N ASN B 217 6.58 -5.39 -6.64
CA ASN B 217 7.14 -5.15 -5.29
C ASN B 217 8.66 -4.92 -5.25
N VAL B 218 9.20 -4.25 -6.25
CA VAL B 218 10.62 -3.94 -6.32
C VAL B 218 10.84 -2.48 -5.83
N LYS C 14 44.39 -0.87 57.28
CA LYS C 14 44.36 -1.65 56.04
C LYS C 14 44.23 -0.73 54.81
N ILE C 15 43.04 -0.05 54.66
CA ILE C 15 42.66 0.84 53.55
C ILE C 15 43.01 2.29 53.85
N ASP C 16 44.02 2.78 53.13
CA ASP C 16 44.49 4.14 53.28
C ASP C 16 43.48 5.20 52.74
N SER C 17 42.89 5.00 51.52
CA SER C 17 41.90 5.92 50.92
C SER C 17 40.89 5.36 49.87
N VAL C 18 39.87 6.15 49.56
CA VAL C 18 38.90 5.78 48.53
C VAL C 18 39.00 6.72 47.32
N LEU C 19 38.37 6.30 46.20
CA LEU C 19 38.30 7.02 44.93
C LEU C 19 36.87 6.94 44.42
N PRO C 20 36.41 7.97 43.66
CA PRO C 20 35.09 7.90 43.02
C PRO C 20 34.86 6.62 42.19
N PRO C 21 33.63 6.08 42.14
CA PRO C 21 32.36 6.53 42.74
C PRO C 21 32.38 6.63 44.26
N LEU C 22 33.23 5.83 44.93
CA LEU C 22 33.35 5.81 46.38
C LEU C 22 33.80 7.12 47.00
N THR C 23 33.19 7.44 48.15
CA THR C 23 33.48 8.64 48.95
C THR C 23 33.39 8.29 50.42
N VAL C 24 34.27 8.90 51.23
CA VAL C 24 34.20 8.68 52.67
C VAL C 24 33.92 10.03 53.25
N ARG C 25 32.65 10.27 53.53
CA ARG C 25 32.23 11.56 54.04
C ARG C 25 32.15 11.50 55.53
N GLU C 26 32.41 12.62 56.19
CA GLU C 26 32.41 12.59 57.63
C GLU C 26 31.52 13.65 58.19
N ALA C 27 30.65 13.24 59.09
CA ALA C 27 29.77 14.18 59.72
C ALA C 27 29.41 13.67 61.09
N SER C 28 29.13 14.60 61.97
CA SER C 28 28.58 14.25 63.26
C SER C 28 29.42 13.17 63.92
N GLY C 29 30.74 13.30 63.80
CA GLY C 29 31.67 12.48 64.53
C GLY C 29 31.98 11.09 64.02
N VAL C 30 31.34 10.66 62.94
CA VAL C 30 31.65 9.33 62.40
C VAL C 30 31.83 9.39 60.89
N ARG C 31 32.85 8.70 60.39
CA ARG C 31 33.12 8.68 58.96
C ARG C 31 32.48 7.50 58.28
N THR C 32 31.79 7.73 57.17
CA THR C 32 31.03 6.65 56.51
C THR C 32 31.37 6.47 55.03
N LEU C 33 31.60 5.22 54.62
CA LEU C 33 31.88 4.91 53.21
C LEU C 33 30.56 4.69 52.46
N SER C 34 30.42 5.39 51.32
CA SER C 34 29.23 5.37 50.46
C SER C 34 29.57 5.32 48.97
N PHE C 35 28.71 4.67 48.18
CA PHE C 35 28.90 4.53 46.73
C PHE C 35 28.03 5.52 45.99
N GLY C 36 28.63 6.28 45.09
CA GLY C 36 27.94 7.30 44.30
C GLY C 36 27.37 6.87 42.95
N TYR C 37 26.13 7.26 42.67
CA TYR C 37 25.52 6.91 41.39
C TYR C 37 24.66 8.00 40.78
N ASP C 38 24.55 8.00 39.42
CA ASP C 38 23.69 8.88 38.64
C ASP C 38 22.30 8.42 39.00
N THR C 39 21.58 9.28 39.72
CA THR C 39 20.24 9.02 40.28
C THR C 39 19.13 8.79 39.27
N SER C 40 19.39 9.20 37.99
CA SER C 40 18.54 9.11 36.80
C SER C 40 18.80 7.80 36.11
N ASP C 41 20.03 7.30 36.21
CA ASP C 41 20.45 6.03 35.60
C ASP C 41 20.19 4.81 36.50
N PHE C 42 20.52 4.96 37.83
CA PHE C 42 20.44 3.91 38.85
C PHE C 42 19.69 4.33 40.11
N THR C 43 19.46 3.35 41.01
CA THR C 43 18.85 3.51 42.34
C THR C 43 19.17 2.32 43.24
N ILE C 44 18.82 2.43 44.52
CA ILE C 44 19.00 1.34 45.46
C ILE C 44 17.63 0.74 45.71
N ILE C 45 17.51 -0.61 45.58
CA ILE C 45 16.26 -1.37 45.76
C ILE C 45 16.64 -2.62 46.52
N ASN C 46 16.11 -2.80 47.73
CA ASN C 46 16.48 -3.93 48.62
C ASN C 46 17.98 -3.90 48.85
N SER C 47 18.44 -2.69 49.18
CA SER C 47 19.81 -2.34 49.47
C SER C 47 20.82 -2.72 48.39
N VAL C 48 20.35 -2.90 47.14
CA VAL C 48 21.23 -3.23 46.03
C VAL C 48 21.07 -2.32 44.84
N LEU C 49 22.20 -2.06 44.14
CA LEU C 49 22.22 -1.25 42.92
C LEU C 49 21.36 -1.91 41.88
N SER C 50 20.37 -1.17 41.46
CA SER C 50 19.40 -1.60 40.48
C SER C 50 19.31 -0.48 39.45
N LEU C 51 18.99 -0.84 38.24
CA LEU C 51 18.83 0.15 37.19
C LEU C 51 17.40 0.62 37.32
N ARG C 52 17.15 1.85 36.91
CA ARG C 52 15.82 2.42 36.83
C ARG C 52 15.48 2.28 35.39
N SER C 53 14.18 2.23 35.06
CA SER C 53 13.73 2.24 33.67
C SER C 53 14.39 1.19 32.73
N ARG C 54 14.21 -0.09 33.06
CA ARG C 54 14.71 -1.19 32.25
C ARG C 54 13.85 -1.20 30.97
N LEU C 55 14.52 -1.00 29.82
CA LEU C 55 13.84 -0.89 28.53
C LEU C 55 13.37 -2.21 27.97
N THR C 56 12.05 -2.30 27.80
CA THR C 56 11.41 -3.47 27.20
C THR C 56 11.13 -3.22 25.71
N LEU C 57 11.65 -4.11 24.86
CA LEU C 57 11.55 -4.01 23.42
C LEU C 57 10.13 -4.39 22.94
N PRO C 58 9.53 -3.57 22.05
CA PRO C 58 8.17 -3.88 21.57
C PRO C 58 8.09 -5.06 20.62
N THR C 59 6.91 -5.67 20.51
CA THR C 59 6.66 -6.74 19.54
C THR C 59 6.07 -6.07 18.28
N TYR C 60 5.76 -6.87 17.25
CA TYR C 60 5.26 -6.32 15.99
C TYR C 60 4.07 -7.07 15.44
N ARG C 61 3.02 -6.33 15.05
CA ARG C 61 1.82 -6.91 14.45
C ARG C 61 1.94 -6.94 12.93
N TYR C 62 1.46 -8.02 12.30
CA TYR C 62 1.46 -8.19 10.85
C TYR C 62 0.79 -6.98 10.18
N PRO C 63 1.32 -6.48 9.03
CA PRO C 63 2.44 -6.98 8.22
C PRO C 63 3.85 -6.66 8.69
N LEU C 64 4.00 -6.06 9.88
CA LEU C 64 5.31 -5.77 10.44
C LEU C 64 5.81 -7.05 11.12
N GLU C 65 7.08 -7.36 10.94
CA GLU C 65 7.67 -8.54 11.56
C GLU C 65 9.13 -8.32 11.94
N LEU C 66 9.60 -9.05 12.97
CA LEU C 66 10.99 -8.97 13.38
C LEU C 66 11.76 -10.12 12.82
N ASP C 67 12.76 -9.83 11.98
CA ASP C 67 13.67 -10.84 11.46
C ASP C 67 14.70 -11.04 12.56
N THR C 68 14.49 -12.07 13.40
CA THR C 68 15.34 -12.36 14.56
C THR C 68 16.77 -12.71 14.20
N ALA C 69 16.97 -13.32 13.03
CA ALA C 69 18.29 -13.71 12.55
C ALA C 69 19.21 -12.51 12.32
N ASN C 70 18.66 -11.39 11.82
CA ASN C 70 19.46 -10.20 11.54
C ASN C 70 19.06 -9.02 12.39
N ASN C 71 18.19 -9.26 13.39
CA ASN C 71 17.64 -8.23 14.29
C ASN C 71 17.18 -7.01 13.46
N ARG C 72 16.25 -7.27 12.51
CA ARG C 72 15.75 -6.24 11.62
C ARG C 72 14.25 -6.29 11.53
N VAL C 73 13.63 -5.12 11.60
CA VAL C 73 12.18 -4.99 11.48
C VAL C 73 11.88 -4.75 10.00
N GLN C 74 10.87 -5.45 9.47
CA GLN C 74 10.52 -5.33 8.06
C GLN C 74 9.04 -5.52 7.80
N VAL C 75 8.61 -5.23 6.57
CA VAL C 75 7.26 -5.53 6.13
C VAL C 75 7.33 -6.94 5.54
N ALA C 76 6.40 -7.82 5.94
CA ALA C 76 6.33 -9.17 5.44
C ALA C 76 6.21 -9.20 3.91
N ASP C 77 6.90 -10.15 3.28
CA ASP C 77 6.90 -10.28 1.83
C ASP C 77 5.53 -10.55 1.23
N ARG C 78 4.75 -11.38 1.93
CA ARG C 78 3.41 -11.76 1.48
C ARG C 78 2.43 -10.61 1.40
N PHE C 79 2.75 -9.53 2.14
CA PHE C 79 1.91 -8.34 2.13
C PHE C 79 1.79 -7.72 0.73
N GLY C 80 2.91 -7.70 0.01
CA GLY C 80 2.95 -7.17 -1.35
C GLY C 80 2.36 -8.12 -2.38
N MET C 81 2.38 -9.43 -2.08
CA MET C 81 1.84 -10.41 -3.01
C MET C 81 1.57 -11.75 -2.39
N ARG C 82 0.31 -12.17 -2.47
CA ARG C 82 -0.12 -13.46 -2.00
C ARG C 82 -1.08 -14.02 -3.07
N THR C 83 -0.71 -15.14 -3.68
CA THR C 83 -1.54 -15.70 -4.75
C THR C 83 -2.42 -16.83 -4.28
N GLY C 84 -3.42 -17.16 -5.07
CA GLY C 84 -4.35 -18.24 -4.78
C GLY C 84 -5.27 -18.49 -5.94
N THR C 85 -6.17 -19.45 -5.79
CA THR C 85 -7.15 -19.77 -6.83
C THR C 85 -8.46 -20.10 -6.19
N TRP C 86 -9.53 -19.84 -6.91
CA TRP C 86 -10.84 -20.26 -6.49
C TRP C 86 -11.43 -21.11 -7.60
N THR C 87 -11.91 -22.30 -7.23
CA THR C 87 -12.54 -23.19 -8.20
C THR C 87 -13.96 -23.41 -7.74
N GLY C 88 -14.87 -23.11 -8.63
CA GLY C 88 -16.28 -23.27 -8.34
C GLY C 88 -17.14 -22.96 -9.55
N GLN C 89 -18.40 -22.64 -9.28
CA GLN C 89 -19.34 -22.29 -10.32
C GLN C 89 -19.73 -20.84 -10.22
N LEU C 90 -19.49 -20.13 -11.32
CA LEU C 90 -19.86 -18.74 -11.46
C LEU C 90 -21.36 -18.73 -11.69
N GLN C 91 -22.10 -18.06 -10.82
CA GLN C 91 -23.55 -18.05 -10.95
C GLN C 91 -24.04 -16.76 -11.57
N TYR C 92 -24.82 -16.88 -12.66
CA TYR C 92 -25.45 -15.73 -13.27
C TYR C 92 -26.88 -15.70 -12.79
N GLN C 93 -27.36 -14.53 -12.37
CA GLN C 93 -28.69 -14.41 -11.80
C GLN C 93 -29.51 -13.24 -12.36
N HIS C 94 -30.69 -13.58 -12.82
CA HIS C 94 -31.66 -12.63 -13.32
C HIS C 94 -33.01 -13.29 -13.11
N PRO C 95 -34.06 -12.50 -12.79
CA PRO C 95 -35.39 -13.11 -12.56
C PRO C 95 -35.88 -14.05 -13.66
N GLN C 96 -35.56 -13.75 -14.93
CA GLN C 96 -36.01 -14.52 -16.07
C GLN C 96 -35.00 -15.47 -16.65
N LEU C 97 -33.79 -15.50 -16.07
CA LEU C 97 -32.72 -16.38 -16.56
C LEU C 97 -31.60 -16.51 -15.55
N SER C 98 -31.15 -17.74 -15.30
CA SER C 98 -30.04 -17.98 -14.38
C SER C 98 -29.32 -19.26 -14.77
N TRP C 99 -28.00 -19.30 -14.55
CA TRP C 99 -27.19 -20.47 -14.87
C TRP C 99 -25.90 -20.55 -14.07
N ARG C 100 -25.18 -21.68 -14.20
CA ARG C 100 -23.93 -21.90 -13.51
C ARG C 100 -22.88 -22.35 -14.51
N ALA C 101 -21.69 -21.76 -14.43
CA ALA C 101 -20.57 -22.12 -15.32
C ALA C 101 -19.35 -22.44 -14.50
N ASN C 102 -18.64 -23.48 -14.90
CA ASN C 102 -17.44 -23.94 -14.19
C ASN C 102 -16.27 -23.05 -14.52
N VAL C 103 -15.73 -22.41 -13.49
CA VAL C 103 -14.60 -21.51 -13.68
C VAL C 103 -13.53 -21.76 -12.65
N THR C 104 -12.34 -21.28 -12.96
CA THR C 104 -11.21 -21.19 -12.05
C THR C 104 -10.67 -19.79 -12.22
N LEU C 105 -10.71 -19.01 -11.15
CA LEU C 105 -10.17 -17.67 -11.25
C LEU C 105 -8.97 -17.50 -10.37
N ASN C 106 -8.02 -16.71 -10.82
CA ASN C 106 -6.81 -16.47 -10.05
C ASN C 106 -7.06 -15.32 -9.10
N LEU C 107 -6.46 -15.41 -7.92
CA LEU C 107 -6.60 -14.40 -6.90
C LEU C 107 -5.26 -13.90 -6.49
N MET C 108 -5.16 -12.60 -6.20
CA MET C 108 -3.96 -12.03 -5.62
C MET C 108 -4.21 -10.92 -4.64
N LYS C 109 -3.64 -11.07 -3.45
CA LYS C 109 -3.68 -10.08 -2.40
C LYS C 109 -2.48 -9.18 -2.59
N VAL C 110 -2.72 -7.92 -2.91
CA VAL C 110 -1.66 -6.94 -3.06
C VAL C 110 -1.96 -5.87 -2.04
N ASP C 111 -1.12 -5.78 -1.00
CA ASP C 111 -1.35 -4.81 0.07
C ASP C 111 -2.74 -4.98 0.62
N ASP C 112 -3.53 -3.90 0.65
CA ASP C 112 -4.90 -3.94 1.15
C ASP C 112 -5.95 -4.08 0.05
N TRP C 113 -5.58 -4.80 -1.03
CA TRP C 113 -6.45 -5.06 -2.17
C TRP C 113 -6.53 -6.53 -2.50
N LEU C 114 -7.71 -6.96 -2.96
CA LEU C 114 -7.88 -8.32 -3.48
C LEU C 114 -8.14 -8.22 -4.99
N VAL C 115 -7.32 -8.87 -5.81
CA VAL C 115 -7.52 -8.86 -7.25
C VAL C 115 -8.06 -10.19 -7.73
N LEU C 116 -9.11 -10.16 -8.56
CA LEU C 116 -9.68 -11.37 -9.19
C LEU C 116 -9.32 -11.34 -10.67
N SER C 117 -8.72 -12.42 -11.17
CA SER C 117 -8.34 -12.49 -12.58
C SER C 117 -9.11 -13.58 -13.30
N PHE C 118 -9.93 -13.16 -14.26
CA PHE C 118 -10.68 -14.11 -15.09
C PHE C 118 -9.94 -14.38 -16.39
N SER C 119 -9.81 -15.66 -16.71
CA SER C 119 -9.29 -16.03 -17.98
C SER C 119 -10.45 -15.93 -18.98
N GLN C 120 -10.17 -16.16 -20.28
CA GLN C 120 -11.25 -16.13 -21.26
C GLN C 120 -12.29 -17.17 -20.91
N MET C 121 -13.53 -16.95 -21.28
CA MET C 121 -14.57 -17.92 -21.01
C MET C 121 -15.69 -17.85 -22.00
N THR C 122 -16.40 -18.97 -22.18
CA THR C 122 -17.58 -19.04 -23.04
C THR C 122 -18.73 -19.43 -22.15
N THR C 123 -19.75 -18.59 -22.07
CA THR C 123 -20.89 -18.89 -21.22
C THR C 123 -22.15 -18.92 -22.01
N ASN C 124 -23.25 -19.31 -21.34
CA ASN C 124 -24.57 -19.27 -21.90
C ASN C 124 -24.98 -17.79 -22.09
N SER C 125 -26.09 -17.55 -22.81
CA SER C 125 -26.57 -16.20 -23.05
C SER C 125 -27.00 -15.48 -21.78
N ILE C 126 -27.03 -14.13 -21.81
CA ILE C 126 -27.38 -13.31 -20.65
C ILE C 126 -28.41 -12.27 -21.02
N MET C 127 -29.05 -11.69 -19.99
CA MET C 127 -30.01 -10.60 -20.16
C MET C 127 -29.25 -9.27 -20.26
N ALA C 128 -29.98 -8.18 -20.58
CA ALA C 128 -29.41 -6.84 -20.71
C ALA C 128 -28.68 -6.37 -19.44
N ASP C 129 -29.11 -6.83 -18.27
CA ASP C 129 -28.45 -6.58 -16.99
C ASP C 129 -28.56 -7.84 -16.14
N GLY C 130 -27.83 -7.90 -15.04
CA GLY C 130 -27.87 -9.07 -14.18
C GLY C 130 -26.79 -9.11 -13.12
N LYS C 131 -26.69 -10.24 -12.40
CA LYS C 131 -25.73 -10.41 -11.32
C LYS C 131 -24.86 -11.61 -11.55
N PHE C 132 -23.63 -11.52 -11.11
CA PHE C 132 -22.71 -12.65 -11.06
C PHE C 132 -22.37 -12.88 -9.61
N VAL C 133 -22.44 -14.14 -9.19
CA VAL C 133 -22.18 -14.50 -7.80
C VAL C 133 -21.09 -15.53 -7.70
N ILE C 134 -20.14 -15.27 -6.81
CA ILE C 134 -19.02 -16.16 -6.54
C ILE C 134 -19.12 -16.61 -5.10
N ASN C 135 -19.32 -17.93 -4.89
CA ASN C 135 -19.42 -18.47 -3.54
C ASN C 135 -18.07 -18.95 -3.01
N PHE C 136 -17.45 -18.14 -2.14
CA PHE C 136 -16.15 -18.45 -1.58
C PHE C 136 -16.24 -19.39 -0.39
N VAL C 137 -17.46 -19.77 0.04
CA VAL C 137 -17.68 -20.68 1.16
C VAL C 137 -16.82 -21.96 0.99
N SER C 138 -16.67 -22.41 -0.25
CA SER C 138 -15.81 -23.52 -0.63
C SER C 138 -15.10 -23.18 -1.95
N GLY C 139 -14.05 -23.91 -2.27
CA GLY C 139 -13.34 -23.76 -3.52
C GLY C 139 -12.01 -23.05 -3.48
N LEU C 140 -11.69 -22.42 -2.37
CA LEU C 140 -10.42 -21.71 -2.26
C LEU C 140 -9.24 -22.65 -2.15
N SER C 141 -8.11 -22.27 -2.73
CA SER C 141 -6.88 -23.05 -2.68
C SER C 141 -6.33 -23.01 -1.24
N SER C 142 -5.34 -23.86 -0.96
CA SER C 142 -4.76 -23.99 0.38
C SER C 142 -4.11 -22.72 0.88
N GLY C 143 -4.40 -22.40 2.14
CA GLY C 143 -3.88 -21.22 2.80
C GLY C 143 -4.93 -20.13 2.88
N TRP C 144 -5.95 -20.25 2.04
CA TRP C 144 -7.01 -19.25 1.97
C TRP C 144 -8.25 -19.64 2.72
N GLN C 145 -8.80 -18.69 3.48
CA GLN C 145 -10.05 -18.87 4.20
C GLN C 145 -11.11 -17.99 3.54
N THR C 146 -12.39 -18.36 3.68
CA THR C 146 -13.50 -17.60 3.12
C THR C 146 -13.44 -16.15 3.59
N GLY C 147 -13.11 -15.94 4.85
CA GLY C 147 -13.04 -14.60 5.43
C GLY C 147 -12.02 -13.71 4.75
N ASP C 148 -11.02 -14.33 4.11
CA ASP C 148 -9.96 -13.60 3.41
C ASP C 148 -10.46 -12.81 2.19
N THR C 149 -11.69 -13.05 1.75
CA THR C 149 -12.25 -12.38 0.58
C THR C 149 -13.24 -11.27 0.95
N GLU C 150 -13.39 -10.98 2.23
CA GLU C 150 -14.34 -9.97 2.67
C GLU C 150 -13.80 -8.55 2.44
N PRO C 151 -14.60 -7.73 1.72
CA PRO C 151 -14.22 -6.33 1.48
C PRO C 151 -14.09 -5.54 2.77
N SER C 152 -13.32 -4.46 2.74
CA SER C 152 -13.09 -3.63 3.91
C SER C 152 -14.03 -2.45 4.00
N SER C 153 -15.04 -2.43 3.13
CA SER C 153 -16.06 -1.38 3.13
C SER C 153 -17.35 -1.90 2.50
N THR C 154 -18.47 -1.27 2.88
CA THR C 154 -19.79 -1.66 2.39
C THR C 154 -20.28 -0.76 1.27
N ILE C 155 -19.45 0.23 0.89
CA ILE C 155 -19.74 1.17 -0.19
C ILE C 155 -20.07 0.42 -1.48
N ASP C 156 -21.09 0.90 -2.19
CA ASP C 156 -21.53 0.27 -3.42
C ASP C 156 -21.60 1.28 -4.56
N PRO C 157 -20.82 1.09 -5.64
CA PRO C 157 -19.87 -0.01 -5.87
C PRO C 157 -18.49 0.23 -5.25
N LEU C 158 -17.78 -0.85 -4.93
CA LEU C 158 -16.42 -0.77 -4.41
C LEU C 158 -15.46 -0.46 -5.56
N SER C 159 -15.75 -1.05 -6.72
CA SER C 159 -14.99 -0.82 -7.94
C SER C 159 -15.75 -1.29 -9.14
N THR C 160 -15.50 -0.64 -10.27
CA THR C 160 -16.13 -1.04 -11.53
C THR C 160 -15.06 -1.26 -12.57
N THR C 161 -15.33 -2.15 -13.52
CA THR C 161 -14.45 -2.40 -14.66
C THR C 161 -15.27 -2.81 -15.87
N PHE C 162 -14.63 -2.85 -17.02
CA PHE C 162 -15.31 -3.30 -18.22
C PHE C 162 -14.79 -4.65 -18.65
N ALA C 163 -15.69 -5.48 -19.17
CA ALA C 163 -15.33 -6.76 -19.75
C ALA C 163 -15.66 -6.67 -21.25
N ALA C 164 -14.72 -7.12 -22.08
CA ALA C 164 -14.96 -7.11 -23.53
C ALA C 164 -15.56 -8.43 -23.90
N VAL C 165 -16.68 -8.39 -24.61
CA VAL C 165 -17.38 -9.62 -24.99
C VAL C 165 -17.65 -9.70 -26.46
N GLN C 166 -18.03 -10.89 -26.87
CA GLN C 166 -18.49 -11.14 -28.20
C GLN C 166 -19.80 -11.90 -28.04
N PHE C 167 -20.88 -11.35 -28.59
CA PHE C 167 -22.17 -12.00 -28.56
C PHE C 167 -22.25 -12.88 -29.77
N LEU C 168 -22.56 -14.17 -29.53
CA LEU C 168 -22.62 -15.21 -30.56
C LEU C 168 -24.05 -15.45 -30.90
N ASN C 169 -24.40 -15.13 -32.14
CA ASN C 169 -25.77 -15.24 -32.61
C ASN C 169 -25.83 -15.78 -34.01
N ASN C 170 -26.06 -17.11 -34.10
CA ASN C 170 -26.15 -17.88 -35.33
C ASN C 170 -24.84 -17.78 -36.14
N GLY C 171 -23.72 -18.15 -35.50
CA GLY C 171 -22.41 -18.15 -36.15
C GLY C 171 -21.67 -16.82 -36.26
N GLN C 172 -22.38 -15.67 -36.22
CA GLN C 172 -21.75 -14.34 -36.27
C GLN C 172 -21.28 -13.89 -34.86
N ARG C 173 -20.11 -13.27 -34.80
CA ARG C 173 -19.56 -12.77 -33.54
C ARG C 173 -19.67 -11.24 -33.48
N ILE C 174 -20.45 -10.73 -32.50
CA ILE C 174 -20.66 -9.29 -32.33
C ILE C 174 -19.97 -8.70 -31.11
N ASP C 175 -18.97 -7.83 -31.33
CA ASP C 175 -18.18 -7.17 -30.28
C ASP C 175 -19.01 -6.18 -29.47
N ALA C 176 -18.90 -6.27 -28.13
CA ALA C 176 -19.60 -5.38 -27.21
C ALA C 176 -18.84 -5.29 -25.89
N PHE C 177 -19.36 -4.52 -24.94
CA PHE C 177 -18.77 -4.44 -23.61
C PHE C 177 -19.81 -4.68 -22.53
N ARG C 178 -19.35 -5.05 -21.35
CA ARG C 178 -20.20 -5.23 -20.18
C ARG C 178 -19.53 -4.50 -19.05
N ILE C 179 -20.30 -3.65 -18.35
CA ILE C 179 -19.75 -2.96 -17.17
C ILE C 179 -20.00 -3.83 -15.94
N MET C 180 -18.96 -4.05 -15.13
CA MET C 180 -19.06 -4.90 -13.96
C MET C 180 -18.67 -4.13 -12.71
N GLY C 181 -19.50 -4.23 -11.67
CA GLY C 181 -19.21 -3.57 -10.40
C GLY C 181 -19.26 -4.52 -9.22
N VAL C 182 -18.27 -4.41 -8.32
CA VAL C 182 -18.25 -5.21 -7.09
C VAL C 182 -19.24 -4.48 -6.18
N SER C 183 -20.31 -5.17 -5.78
CA SER C 183 -21.39 -4.52 -5.05
C SER C 183 -21.67 -5.02 -3.66
N GLU C 184 -21.41 -6.30 -3.39
CA GLU C 184 -21.80 -6.85 -2.12
C GLU C 184 -21.07 -8.12 -1.77
N TRP C 185 -20.94 -8.36 -0.47
CA TRP C 185 -20.35 -9.57 0.06
C TRP C 185 -21.20 -10.00 1.24
N THR C 186 -21.74 -11.22 1.16
CA THR C 186 -22.62 -11.71 2.20
C THR C 186 -22.31 -13.15 2.53
N ASP C 187 -21.78 -13.36 3.75
CA ASP C 187 -21.43 -14.67 4.27
C ASP C 187 -20.63 -15.52 3.27
N GLY C 188 -19.66 -14.90 2.63
CA GLY C 188 -18.79 -15.59 1.69
C GLY C 188 -19.23 -15.55 0.24
N GLU C 189 -20.38 -14.93 -0.03
CA GLU C 189 -20.86 -14.81 -1.40
C GLU C 189 -20.58 -13.41 -1.93
N LEU C 190 -19.67 -13.31 -2.92
CA LEU C 190 -19.36 -12.03 -3.56
C LEU C 190 -20.31 -11.79 -4.71
N GLU C 191 -20.87 -10.59 -4.77
CA GLU C 191 -21.81 -10.24 -5.82
C GLU C 191 -21.22 -9.18 -6.76
N ILE C 192 -21.16 -9.49 -8.06
CA ILE C 192 -20.69 -8.58 -9.09
C ILE C 192 -21.84 -8.24 -10.01
N LYS C 193 -22.30 -6.99 -9.95
CA LYS C 193 -23.43 -6.55 -10.77
C LYS C 193 -23.01 -6.22 -12.18
N ASN C 194 -23.79 -6.65 -13.16
CA ASN C 194 -23.59 -6.24 -14.56
C ASN C 194 -24.68 -5.20 -14.88
N TYR C 195 -24.37 -3.92 -14.67
CA TYR C 195 -25.31 -2.83 -14.88
C TYR C 195 -25.84 -2.74 -16.31
N GLY C 196 -25.03 -3.20 -17.25
CA GLY C 196 -25.41 -3.17 -18.65
C GLY C 196 -24.22 -3.07 -19.58
N GLY C 197 -24.39 -2.24 -20.59
CA GLY C 197 -23.40 -2.03 -21.64
C GLY C 197 -24.09 -2.25 -22.96
N THR C 198 -23.32 -2.36 -24.06
CA THR C 198 -23.91 -2.61 -25.37
C THR C 198 -24.46 -4.03 -25.45
N TYR C 199 -25.52 -4.23 -26.25
CA TYR C 199 -26.20 -5.52 -26.25
C TYR C 199 -26.89 -5.86 -27.58
N THR C 200 -27.03 -7.15 -27.86
CA THR C 200 -27.75 -7.69 -29.01
C THR C 200 -28.24 -9.08 -28.66
N GLY C 201 -29.25 -9.55 -29.39
CA GLY C 201 -29.76 -10.90 -29.21
C GLY C 201 -28.68 -11.90 -29.54
N HIS C 202 -28.53 -12.91 -28.67
CA HIS C 202 -27.47 -13.88 -28.79
C HIS C 202 -27.84 -15.20 -28.12
N THR C 203 -27.07 -16.24 -28.40
CA THR C 203 -27.31 -17.58 -27.86
C THR C 203 -26.24 -17.95 -26.86
N GLN C 204 -25.08 -17.27 -26.95
CA GLN C 204 -23.91 -17.49 -26.11
C GLN C 204 -22.94 -16.31 -26.09
N VAL C 205 -22.14 -16.25 -25.04
CA VAL C 205 -21.22 -15.14 -24.86
C VAL C 205 -19.77 -15.58 -24.80
N TYR C 206 -18.89 -14.91 -25.56
CA TYR C 206 -17.46 -15.12 -25.40
C TYR C 206 -16.93 -13.94 -24.61
N TRP C 207 -16.26 -14.21 -23.50
CA TRP C 207 -15.69 -13.17 -22.64
C TRP C 207 -14.19 -13.17 -22.77
N ALA C 208 -13.62 -12.01 -23.09
CA ALA C 208 -12.17 -11.88 -23.12
C ALA C 208 -11.70 -11.88 -21.66
N PRO C 209 -10.39 -12.09 -21.38
CA PRO C 209 -9.95 -12.05 -19.99
C PRO C 209 -10.19 -10.68 -19.38
N TRP C 210 -10.32 -10.62 -18.06
CA TRP C 210 -10.52 -9.35 -17.36
C TRP C 210 -10.18 -9.48 -15.90
N THR C 211 -9.83 -8.36 -15.28
CA THR C 211 -9.54 -8.34 -13.84
C THR C 211 -10.41 -7.33 -13.17
N ILE C 212 -10.69 -7.59 -11.90
CA ILE C 212 -11.44 -6.66 -11.07
C ILE C 212 -10.83 -6.73 -9.66
N MET C 213 -10.74 -5.59 -8.99
CA MET C 213 -10.19 -5.58 -7.65
C MET C 213 -11.00 -4.75 -6.70
N TYR C 214 -10.90 -5.01 -5.41
CA TYR C 214 -11.61 -4.26 -4.41
C TYR C 214 -10.82 -4.18 -3.12
N PRO C 215 -11.11 -3.17 -2.26
CA PRO C 215 -10.36 -3.06 -1.01
C PRO C 215 -10.65 -4.22 -0.07
N CYS C 216 -9.60 -4.75 0.56
CA CYS C 216 -9.68 -5.94 1.40
C CYS C 216 -8.49 -5.92 2.36
N ASN C 217 -8.73 -5.73 3.67
CA ASN C 217 -7.63 -5.65 4.64
C ASN C 217 -7.47 -6.87 5.57
N VAL C 218 -7.75 -8.06 5.07
CA VAL C 218 -7.63 -9.29 5.84
C VAL C 218 -6.28 -9.95 5.51
C2 BGC D . -37.68 12.01 -2.68
C3 BGC D . -36.71 11.19 -3.52
C4 BGC D . -35.34 11.12 -2.85
C5 BGC D . -35.46 10.62 -1.41
C6 BGC D . -34.17 10.67 -0.63
C1 BGC D . -37.74 11.46 -1.26
O1 BGC D . -38.56 12.29 -0.48
O2 BGC D . -38.97 12.03 -3.30
O3 BGC D . -36.61 11.76 -4.82
O4 BGC D . -34.46 10.26 -3.57
O5 BGC D . -36.42 11.43 -0.70
O6 BGC D . -33.73 12.01 -0.41
C1 GAL D . -33.44 10.84 -4.40
C2 GAL D . -33.07 9.83 -5.49
C3 GAL D . -32.04 10.43 -6.44
C4 GAL D . -32.52 11.77 -7.01
C5 GAL D . -32.96 12.70 -5.87
C6 GAL D . -33.63 13.97 -6.34
O2 GAL D . -32.57 8.62 -4.91
O3 GAL D . -31.76 9.51 -7.49
O4 GAL D . -33.54 11.58 -7.98
O5 GAL D . -33.91 12.04 -5.02
O6 GAL D . -34.26 14.64 -5.26
C1 SIA D . -30.60 8.48 -9.27
C2 SIA D . -30.45 9.26 -7.95
C3 SIA D . -29.72 8.43 -6.87
C4 SIA D . -28.20 8.49 -6.99
C5 SIA D . -27.61 9.89 -7.16
C6 SIA D . -28.35 10.60 -8.29
C7 SIA D . -27.95 12.06 -8.54
C8 SIA D . -28.75 12.74 -9.65
C9 SIA D . -27.87 13.64 -10.48
C10 SIA D . -25.19 10.43 -7.07
C11 SIA D . -23.86 10.13 -7.71
N5 SIA D . -26.22 9.75 -7.58
O1A SIA D . -30.40 9.03 -10.39
O1B SIA D . -30.93 7.28 -9.18
O4 SIA D . -27.58 7.79 -5.91
O6 SIA D . -29.78 10.53 -8.13
O7 SIA D . -28.14 12.82 -7.35
O8 SIA D . -29.47 11.85 -10.53
O9 SIA D . -28.71 14.29 -11.44
O10 SIA D . -25.28 11.23 -6.15
C2 BGC E . 7.64 20.09 -32.87
C3 BGC E . 6.52 19.23 -32.27
C4 BGC E . 6.98 18.50 -31.01
C5 BGC E . 7.71 19.43 -30.03
C6 BGC E . 8.43 18.70 -28.94
C1 BGC E . 8.21 21.00 -31.78
O1 BGC E . 9.20 21.82 -32.30
O2 BGC E . 7.13 20.83 -33.98
O3 BGC E . 6.08 18.29 -33.24
O4 BGC E . 5.84 17.92 -30.37
O5 BGC E . 8.71 20.20 -30.72
O6 BGC E . 7.50 18.11 -28.04
C1 GAL E . 5.63 16.52 -30.48
C2 GAL E . 4.14 16.23 -30.30
C3 GAL E . 3.86 14.73 -30.46
C4 GAL E . 4.47 14.18 -31.75
C5 GAL E . 5.92 14.60 -31.90
C6 GAL E . 6.55 14.27 -33.24
O2 GAL E . 3.72 16.67 -29.01
O3 GAL E . 2.46 14.51 -30.41
O4 GAL E . 3.69 14.56 -32.88
O5 GAL E . 6.04 16.03 -31.76
O6 GAL E . 7.77 14.98 -33.43
C1 SIA E . 0.41 13.32 -30.09
C2 SIA E . 1.89 13.45 -29.65
C3 SIA E . 2.02 13.83 -28.16
C4 SIA E . 1.92 12.64 -27.22
C5 SIA E . 2.80 11.45 -27.61
C6 SIA E . 2.51 11.10 -29.06
C7 SIA E . 3.34 9.95 -29.66
C8 SIA E . 3.07 9.67 -31.12
C9 SIA E . 3.08 8.18 -31.40
C10 SIA E . 3.18 9.46 -26.18
C11 SIA E . 2.47 8.35 -25.46
N5 SIA E . 2.37 10.32 -26.80
O1A SIA E . -0.51 13.84 -29.38
O1B SIA E . 0.13 12.73 -31.17
O4 SIA E . 2.16 13.04 -25.87
O6 SIA E . 2.62 12.24 -29.93
O7 SIA E . 4.73 10.24 -29.54
O8 SIA E . 1.88 10.27 -31.65
O9 SIA E . 2.87 8.03 -32.80
O10 SIA E . 4.40 9.57 -26.16
C1 GAL F . -13.78 -26.71 -21.63
C2 GAL F . -12.67 -25.78 -21.13
C3 GAL F . -12.60 -24.52 -22.00
C4 GAL F . -12.55 -24.84 -23.49
C5 GAL F . -13.64 -25.85 -23.87
C6 GAL F . -13.52 -26.35 -25.30
O1 GAL F . -13.83 -27.89 -20.88
O2 GAL F . -12.89 -25.42 -19.78
O3 GAL F . -11.49 -23.69 -21.66
O4 GAL F . -11.26 -25.33 -23.87
O5 GAL F . -13.59 -27.00 -23.02
O6 GAL F . -14.31 -27.52 -25.49
C1 SIA F . -12.00 -21.42 -22.39
C2 SIA F . -11.71 -22.36 -21.20
C3 SIA F . -10.40 -22.00 -20.49
C4 SIA F . -10.55 -20.88 -19.47
C5 SIA F . -11.72 -21.04 -18.49
C6 SIA F . -12.99 -21.35 -19.30
C7 SIA F . -14.24 -21.66 -18.48
C8 SIA F . -15.48 -21.96 -19.32
C9 SIA F . -16.72 -21.34 -18.70
C10 SIA F . -12.16 -19.65 -16.51
C11 SIA F . -12.40 -18.25 -16.06
N5 SIA F . -11.95 -19.78 -17.81
O1A SIA F . -13.17 -20.98 -22.60
O1B SIA F . -11.05 -21.13 -23.16
O4 SIA F . -9.34 -20.63 -18.75
O6 SIA F . -12.79 -22.41 -20.24
O7 SIA F . -14.02 -22.78 -17.61
O8 SIA F . -15.36 -21.62 -20.70
O9 SIA F . -17.82 -21.75 -19.51
O10 SIA F . -12.16 -20.58 -15.71
#